data_5V13
#
_entry.id   5V13
#
_cell.length_a   120.150
_cell.length_b   69.070
_cell.length_c   121.940
_cell.angle_alpha   90.000
_cell.angle_beta   112.810
_cell.angle_gamma   90.000
#
_symmetry.space_group_name_H-M   'C 1 2 1'
#
loop_
_entity.id
_entity.type
_entity.pdbx_description
1 polymer 'AAEL008620-PA odorant-binding protein'
2 non-polymer 'methyl (2E,6E)-9-[(2R)-3,3-dimethyloxiran-2-yl]-3,7-dimethylnona-2,6-dienoate'
3 water water
#
_entity_poly.entity_id   1
_entity_poly.type   'polypeptide(L)'
_entity_poly.pdbx_seq_one_letter_code
;MSAIPCEGQNAEPASAASGEWQPRTPEQTLYAYVRCLNDSSASIEQKINWVKWHPDTTYESQCYVKCVSEELRLYDPKEK
RFRPERFVLQAESFFHADPEQLQALKNNAEPMLAGVLADNSCESVFNKYATFYATHHSTILRMFHGDYRDIGNTYAKLGN
GVKQIGQMFVDFCEKRTDFKWNEDNSCPPEAFLDCVFRGFRWITEEGEVNVNEIRRDYEAAGKGAADMADYCGSVKAGAR
QLYNCLRDKGADSLVAVIRDRNQKTAFYFDLSSKEEPWKSAVDFANNL
;
_entity_poly.pdbx_strand_id   B,A,C
#
# COMPACT_ATOMS: atom_id res chain seq x y z
N GLU A 20 2.63 -12.98 22.74
CA GLU A 20 1.48 -13.83 22.39
C GLU A 20 1.45 -14.05 20.89
N TRP A 21 1.24 -15.30 20.48
CA TRP A 21 1.16 -15.63 19.06
C TRP A 21 0.08 -14.79 18.37
N GLN A 22 0.47 -14.11 17.29
CA GLN A 22 -0.44 -13.27 16.53
C GLN A 22 -0.82 -13.97 15.23
N PRO A 23 -2.01 -13.73 14.69
CA PRO A 23 -2.36 -14.33 13.39
C PRO A 23 -1.27 -14.03 12.38
N ARG A 24 -0.96 -15.06 11.57
CA ARG A 24 0.10 -14.97 10.58
C ARG A 24 -0.22 -13.94 9.51
N THR A 25 0.73 -13.07 9.22
CA THR A 25 0.59 -12.11 8.12
C THR A 25 0.84 -12.80 6.80
N PRO A 26 0.54 -12.15 5.68
CA PRO A 26 0.94 -12.73 4.39
C PRO A 26 2.45 -12.73 4.19
N GLU A 27 3.20 -11.88 4.90
CA GLU A 27 4.64 -12.05 4.87
C GLU A 27 5.05 -13.37 5.52
N GLN A 28 4.45 -13.68 6.67
CA GLN A 28 4.83 -14.89 7.40
C GLN A 28 4.42 -16.15 6.65
N THR A 29 3.22 -16.17 6.07
CA THR A 29 2.81 -17.35 5.30
C THR A 29 3.66 -17.49 4.03
N LEU A 30 3.85 -16.40 3.27
CA LEU A 30 4.67 -16.53 2.06
C LEU A 30 6.09 -17.00 2.42
N TYR A 31 6.66 -16.49 3.52
CA TYR A 31 8.00 -16.92 3.90
C TYR A 31 8.02 -18.42 4.13
N ALA A 32 7.05 -18.92 4.89
CA ALA A 32 7.00 -20.35 5.21
C ALA A 32 6.79 -21.17 3.94
N TYR A 33 5.84 -20.76 3.08
CA TYR A 33 5.55 -21.56 1.89
C TYR A 33 6.79 -21.71 1.01
N VAL A 34 7.48 -20.60 0.75
CA VAL A 34 8.61 -20.60 -0.19
C VAL A 34 9.82 -21.30 0.40
N ARG A 35 10.17 -20.95 1.64
CA ARG A 35 11.34 -21.57 2.27
C ARG A 35 11.16 -23.07 2.42
N CYS A 36 9.96 -23.51 2.79
CA CYS A 36 9.72 -24.94 2.92
C CYS A 36 9.74 -25.64 1.56
N LEU A 37 9.31 -24.95 0.50
CA LEU A 37 9.43 -25.53 -0.84
C LEU A 37 10.87 -25.67 -1.26
N ASN A 38 11.67 -24.61 -1.07
CA ASN A 38 13.05 -24.63 -1.53
C ASN A 38 13.91 -25.58 -0.70
N ASP A 39 13.48 -25.93 0.52
CA ASP A 39 14.16 -26.91 1.35
C ASP A 39 13.85 -28.35 0.94
N SER A 40 12.83 -28.55 0.13
CA SER A 40 12.39 -29.90 -0.23
C SER A 40 13.07 -30.35 -1.52
N SER A 41 13.42 -31.64 -1.55
CA SER A 41 13.94 -32.25 -2.75
C SER A 41 12.87 -32.95 -3.57
N ALA A 42 11.59 -32.70 -3.27
CA ALA A 42 10.52 -33.37 -4.00
C ALA A 42 10.50 -32.91 -5.45
N SER A 43 9.84 -33.71 -6.29
CA SER A 43 9.74 -33.41 -7.71
C SER A 43 8.88 -32.17 -7.94
N ILE A 44 9.13 -31.51 -9.08
CA ILE A 44 8.31 -30.36 -9.48
C ILE A 44 6.84 -30.75 -9.54
N GLU A 45 6.54 -31.95 -10.05
CA GLU A 45 5.15 -32.40 -10.12
C GLU A 45 4.50 -32.43 -8.74
N GLN A 46 5.25 -32.88 -7.72
CA GLN A 46 4.74 -32.84 -6.36
C GLN A 46 4.51 -31.42 -5.90
N LYS A 47 5.51 -30.55 -6.08
CA LYS A 47 5.41 -29.17 -5.61
C LYS A 47 4.27 -28.42 -6.29
N ILE A 48 3.98 -28.74 -7.55
CA ILE A 48 2.84 -28.11 -8.23
C ILE A 48 1.55 -28.47 -7.52
N ASN A 49 1.43 -29.72 -7.07
CA ASN A 49 0.25 -30.10 -6.30
C ASN A 49 0.19 -29.36 -4.98
N TRP A 50 1.34 -29.13 -4.34
CA TRP A 50 1.34 -28.45 -3.05
C TRP A 50 0.87 -27.00 -3.20
N VAL A 51 1.34 -26.30 -4.24
CA VAL A 51 0.95 -24.88 -4.37
C VAL A 51 -0.49 -24.71 -4.81
N LYS A 52 -1.16 -25.81 -5.19
CA LYS A 52 -2.61 -25.83 -5.37
C LYS A 52 -3.34 -26.34 -4.13
N TRP A 53 -2.64 -26.36 -2.99
CA TRP A 53 -3.21 -26.77 -1.71
C TRP A 53 -3.72 -28.21 -1.73
N HIS A 54 -3.01 -29.07 -2.45
CA HIS A 54 -3.36 -30.49 -2.57
C HIS A 54 -2.18 -31.39 -2.19
N PRO A 55 -1.74 -31.36 -0.93
CA PRO A 55 -0.70 -32.32 -0.50
C PRO A 55 -1.21 -33.75 -0.59
N ASP A 56 -0.41 -34.64 -1.18
CA ASP A 56 -0.77 -36.05 -1.13
C ASP A 56 -0.12 -36.68 0.10
N THR A 57 -0.05 -38.01 0.15
CA THR A 57 0.43 -38.68 1.35
C THR A 57 1.85 -39.21 1.21
N THR A 58 2.59 -38.81 0.18
CA THR A 58 3.97 -39.23 0.10
C THR A 58 4.78 -38.57 1.23
N TYR A 59 5.95 -39.14 1.51
CA TYR A 59 6.76 -38.65 2.62
C TYR A 59 7.14 -37.18 2.44
N GLU A 60 7.57 -36.79 1.23
CA GLU A 60 7.98 -35.40 1.04
C GLU A 60 6.80 -34.45 1.26
N SER A 61 5.59 -34.87 0.86
CA SER A 61 4.40 -34.06 1.12
C SER A 61 4.10 -33.96 2.62
N GLN A 62 4.20 -35.06 3.33
CA GLN A 62 4.01 -35.02 4.78
C GLN A 62 5.04 -34.10 5.43
N CYS A 63 6.29 -34.16 4.97
CA CYS A 63 7.29 -33.28 5.56
C CYS A 63 7.05 -31.82 5.22
N TYR A 64 6.54 -31.54 4.01
CA TYR A 64 6.19 -30.17 3.65
C TYR A 64 5.14 -29.60 4.60
N VAL A 65 4.07 -30.37 4.86
CA VAL A 65 3.03 -29.93 5.78
C VAL A 65 3.59 -29.72 7.18
N LYS A 66 4.46 -30.62 7.65
CA LYS A 66 5.08 -30.42 8.96
C LYS A 66 5.95 -29.16 8.98
N CYS A 67 6.76 -28.98 7.94
CA CYS A 67 7.64 -27.81 7.83
C CYS A 67 6.84 -26.52 7.94
N VAL A 68 5.78 -26.41 7.14
CA VAL A 68 4.97 -25.19 7.10
C VAL A 68 4.27 -24.98 8.43
N SER A 69 3.72 -26.04 9.03
CA SER A 69 3.05 -25.93 10.33
C SER A 69 4.01 -25.47 11.41
N GLU A 70 5.23 -26.01 11.44
CA GLU A 70 6.20 -25.58 12.44
C GLU A 70 6.65 -24.14 12.19
N GLU A 71 6.89 -23.78 10.95
CA GLU A 71 7.36 -22.42 10.67
C GLU A 71 6.33 -21.37 11.06
N LEU A 72 5.04 -21.69 10.92
CA LEU A 72 3.99 -20.77 11.32
C LEU A 72 3.59 -20.92 12.78
N ARG A 73 4.30 -21.77 13.53
CA ARG A 73 4.03 -21.98 14.95
C ARG A 73 2.61 -22.49 15.18
N LEU A 74 2.08 -23.23 14.19
CA LEU A 74 0.82 -23.93 14.37
C LEU A 74 1.02 -25.30 15.02
N TYR A 75 2.16 -25.92 14.76
CA TYR A 75 2.53 -27.17 15.42
C TYR A 75 3.74 -26.91 16.29
N ASP A 76 3.67 -27.35 17.55
CA ASP A 76 4.68 -27.09 18.57
C ASP A 76 5.49 -28.35 18.80
N PRO A 77 6.74 -28.44 18.32
CA PRO A 77 7.50 -29.69 18.50
C PRO A 77 7.99 -29.91 19.92
N LYS A 78 8.05 -28.86 20.75
CA LYS A 78 8.46 -29.04 22.14
C LYS A 78 7.37 -29.74 22.94
N GLU A 79 6.10 -29.39 22.72
CA GLU A 79 4.99 -30.07 23.37
C GLU A 79 4.39 -31.19 22.52
N LYS A 80 4.82 -31.31 21.26
CA LYS A 80 4.36 -32.37 20.35
C LYS A 80 2.84 -32.30 20.12
N ARG A 81 2.37 -31.13 19.75
CA ARG A 81 0.93 -30.94 19.60
C ARG A 81 0.65 -29.79 18.65
N PHE A 82 -0.45 -29.90 17.91
CA PHE A 82 -1.02 -28.74 17.24
C PHE A 82 -1.64 -27.81 18.26
N ARG A 83 -1.77 -26.53 17.88
CA ARG A 83 -2.34 -25.49 18.72
C ARG A 83 -3.67 -25.07 18.12
N PRO A 84 -4.77 -25.77 18.42
CA PRO A 84 -6.04 -25.48 17.73
C PRO A 84 -6.50 -24.04 17.91
N GLU A 85 -6.24 -23.45 19.08
CA GLU A 85 -6.67 -22.07 19.31
C GLU A 85 -5.96 -21.11 18.36
N ARG A 86 -4.81 -21.47 17.81
CA ARG A 86 -4.16 -20.57 16.87
C ARG A 86 -4.86 -20.59 15.52
N PHE A 87 -5.36 -21.77 15.09
CA PHE A 87 -6.20 -21.81 13.89
C PHE A 87 -7.47 -20.99 14.07
N VAL A 88 -8.07 -21.05 15.28
CA VAL A 88 -9.26 -20.26 15.58
C VAL A 88 -8.95 -18.77 15.46
N LEU A 89 -7.84 -18.34 16.07
CA LEU A 89 -7.48 -16.92 15.99
C LEU A 89 -7.24 -16.48 14.55
N GLN A 90 -6.58 -17.32 13.74
CA GLN A 90 -6.36 -16.99 12.34
C GLN A 90 -7.69 -16.82 11.60
N ALA A 91 -8.66 -17.70 11.87
CA ALA A 91 -9.96 -17.61 11.20
C ALA A 91 -10.72 -16.37 11.63
N GLU A 92 -10.68 -16.05 12.93
CA GLU A 92 -11.38 -14.85 13.39
C GLU A 92 -10.81 -13.58 12.77
N SER A 93 -9.53 -13.60 12.43
CA SER A 93 -8.90 -12.41 11.85
C SER A 93 -9.10 -12.30 10.34
N PHE A 94 -9.05 -13.43 9.61
CA PHE A 94 -8.93 -13.38 8.15
C PHE A 94 -9.98 -14.18 7.38
N PHE A 95 -10.99 -14.76 8.03
CA PHE A 95 -12.04 -15.48 7.30
C PHE A 95 -13.40 -14.82 7.54
N HIS A 96 -13.86 -14.07 6.55
CA HIS A 96 -15.13 -13.34 6.64
C HIS A 96 -16.11 -13.76 5.55
N ALA A 97 -15.84 -14.84 4.82
CA ALA A 97 -16.59 -15.18 3.63
C ALA A 97 -17.81 -16.07 3.89
N ASP A 98 -17.90 -16.73 5.05
CA ASP A 98 -18.98 -17.68 5.31
C ASP A 98 -19.12 -17.91 6.81
N PRO A 99 -20.09 -17.25 7.46
CA PRO A 99 -20.24 -17.43 8.92
C PRO A 99 -20.43 -18.87 9.35
N GLU A 100 -21.14 -19.67 8.56
CA GLU A 100 -21.36 -21.05 8.94
C GLU A 100 -20.07 -21.85 8.88
N GLN A 101 -19.22 -21.59 7.88
CA GLN A 101 -17.96 -22.32 7.80
C GLN A 101 -16.98 -21.84 8.87
N LEU A 102 -17.08 -20.57 9.27
CA LEU A 102 -16.28 -20.06 10.38
C LEU A 102 -16.64 -20.77 11.68
N GLN A 103 -17.94 -20.87 11.97
CA GLN A 103 -18.38 -21.55 13.18
C GLN A 103 -18.07 -23.04 13.14
N ALA A 104 -18.13 -23.67 11.96
CA ALA A 104 -17.79 -25.08 11.89
C ALA A 104 -16.32 -25.28 12.25
N LEU A 105 -15.45 -24.39 11.77
CA LEU A 105 -14.03 -24.50 12.09
C LEU A 105 -13.79 -24.28 13.58
N LYS A 106 -14.41 -23.26 14.16
CA LYS A 106 -14.20 -22.97 15.58
C LYS A 106 -14.61 -24.16 16.46
N ASN A 107 -15.69 -24.85 16.10
CA ASN A 107 -16.12 -25.97 16.92
C ASN A 107 -15.33 -27.25 16.66
N ASN A 108 -14.78 -27.41 15.45
CA ASN A 108 -14.04 -28.63 15.14
C ASN A 108 -12.55 -28.57 15.51
N ALA A 109 -11.95 -27.38 15.65
CA ALA A 109 -10.50 -27.30 15.77
C ALA A 109 -9.99 -28.09 16.98
N GLU A 110 -10.58 -27.87 18.15
CA GLU A 110 -10.09 -28.55 19.35
C GLU A 110 -10.34 -30.05 19.29
N PRO A 111 -11.54 -30.55 18.99
CA PRO A 111 -11.71 -32.01 18.92
C PRO A 111 -10.87 -32.70 17.86
N MET A 112 -10.64 -32.07 16.70
CA MET A 112 -9.87 -32.73 15.66
C MET A 112 -8.37 -32.59 15.81
N LEU A 113 -7.87 -31.52 16.43
CA LEU A 113 -6.43 -31.27 16.45
C LEU A 113 -5.76 -31.49 17.80
N ALA A 114 -6.48 -31.48 18.91
CA ALA A 114 -5.82 -31.53 20.20
C ALA A 114 -5.24 -32.92 20.45
N GLY A 115 -4.16 -32.96 21.21
CA GLY A 115 -3.55 -34.24 21.54
C GLY A 115 -2.06 -34.29 21.34
N VAL A 116 -1.35 -34.84 22.33
CA VAL A 116 0.10 -34.91 22.28
C VAL A 116 0.51 -36.11 21.44
N LEU A 117 1.42 -35.89 20.48
CA LEU A 117 1.86 -36.96 19.60
C LEU A 117 3.03 -37.72 20.22
N ALA A 118 3.15 -39.00 19.85
CA ALA A 118 4.25 -39.83 20.34
C ALA A 118 5.61 -39.39 19.81
N ASP A 119 5.65 -38.75 18.65
CA ASP A 119 6.89 -38.24 18.07
C ASP A 119 6.53 -37.11 17.10
N ASN A 120 7.57 -36.40 16.67
CA ASN A 120 7.43 -35.29 15.73
C ASN A 120 7.68 -35.71 14.28
N SER A 121 7.48 -36.97 13.94
CA SER A 121 7.77 -37.39 12.57
C SER A 121 6.83 -36.71 11.57
N CYS A 122 7.28 -36.62 10.31
CA CYS A 122 6.45 -36.06 9.26
C CYS A 122 5.11 -36.80 9.17
N GLU A 123 5.14 -38.13 9.28
CA GLU A 123 3.91 -38.93 9.22
C GLU A 123 2.98 -38.62 10.40
N SER A 124 3.53 -38.53 11.61
CA SER A 124 2.70 -38.28 12.78
C SER A 124 2.01 -36.92 12.69
N VAL A 125 2.76 -35.88 12.32
CA VAL A 125 2.18 -34.54 12.22
C VAL A 125 1.13 -34.49 11.13
N PHE A 126 1.48 -34.98 9.92
CA PHE A 126 0.56 -34.96 8.79
C PHE A 126 -0.72 -35.74 9.09
N ASN A 127 -0.59 -36.94 9.65
CA ASN A 127 -1.76 -37.76 9.95
C ASN A 127 -2.67 -37.09 10.95
N LYS A 128 -2.08 -36.37 11.92
CA LYS A 128 -2.92 -35.73 12.92
C LYS A 128 -3.72 -34.59 12.31
N TYR A 129 -3.13 -33.91 11.33
CA TYR A 129 -3.74 -32.76 10.65
C TYR A 129 -4.82 -33.15 9.64
N ALA A 130 -4.86 -34.42 9.22
CA ALA A 130 -5.51 -34.78 7.96
C ALA A 130 -7.03 -34.56 8.00
N THR A 131 -7.69 -35.01 9.06
CA THR A 131 -9.15 -34.85 9.13
C THR A 131 -9.56 -33.38 9.16
N PHE A 132 -8.87 -32.57 9.98
CA PHE A 132 -9.16 -31.14 10.03
C PHE A 132 -8.94 -30.49 8.68
N TYR A 133 -7.82 -30.81 8.02
CA TYR A 133 -7.53 -30.21 6.72
C TYR A 133 -8.60 -30.59 5.69
N ALA A 134 -9.01 -31.87 5.66
CA ALA A 134 -10.03 -32.27 4.70
C ALA A 134 -11.36 -31.59 4.97
N THR A 135 -11.70 -31.42 6.25
CA THR A 135 -12.99 -30.86 6.62
C THR A 135 -13.06 -29.35 6.39
N HIS A 136 -11.92 -28.63 6.49
CA HIS A 136 -11.95 -27.17 6.38
C HIS A 136 -10.98 -26.65 5.33
N HIS A 137 -10.71 -27.46 4.30
CA HIS A 137 -9.72 -27.15 3.27
C HIS A 137 -9.84 -25.72 2.75
N SER A 138 -11.02 -25.34 2.26
CA SER A 138 -11.13 -24.04 1.61
C SER A 138 -11.08 -22.88 2.61
N THR A 139 -11.51 -23.11 3.86
CA THR A 139 -11.41 -22.09 4.90
C THR A 139 -9.96 -21.88 5.32
N ILE A 140 -9.20 -22.96 5.48
CA ILE A 140 -7.80 -22.86 5.84
C ILE A 140 -7.03 -22.11 4.76
N LEU A 141 -7.26 -22.49 3.50
CA LEU A 141 -6.63 -21.84 2.37
C LEU A 141 -6.83 -20.33 2.43
N ARG A 142 -8.08 -19.89 2.63
CA ARG A 142 -8.37 -18.47 2.57
C ARG A 142 -7.85 -17.73 3.78
N MET A 143 -7.95 -18.32 4.98
CA MET A 143 -7.51 -17.58 6.16
C MET A 143 -5.99 -17.49 6.25
N PHE A 144 -5.26 -18.38 5.56
CA PHE A 144 -3.80 -18.29 5.47
C PHE A 144 -3.34 -17.68 4.15
N HIS A 145 -4.14 -16.77 3.58
CA HIS A 145 -3.73 -15.89 2.50
C HIS A 145 -3.47 -16.62 1.20
N GLY A 146 -4.18 -17.73 0.96
CA GLY A 146 -4.04 -18.48 -0.27
C GLY A 146 -4.90 -18.01 -1.42
N ASP A 147 -5.87 -17.12 -1.16
CA ASP A 147 -6.83 -16.65 -2.15
C ASP A 147 -6.55 -15.17 -2.44
N TYR A 148 -6.09 -14.87 -3.65
CA TYR A 148 -5.72 -13.48 -3.91
C TYR A 148 -6.92 -12.55 -4.06
N ARG A 149 -8.15 -13.06 -4.01
CA ARG A 149 -9.31 -12.15 -3.98
C ARG A 149 -9.29 -11.24 -2.76
N ASP A 150 -8.59 -11.63 -1.71
CA ASP A 150 -8.51 -10.91 -0.45
C ASP A 150 -7.25 -10.09 -0.28
N ILE A 151 -6.33 -10.12 -1.26
CA ILE A 151 -4.97 -9.65 -0.95
C ILE A 151 -4.96 -8.15 -0.69
N GLY A 152 -5.82 -7.40 -1.39
CA GLY A 152 -5.89 -5.95 -1.19
C GLY A 152 -6.36 -5.57 0.20
N ASN A 153 -7.46 -6.19 0.66
CA ASN A 153 -7.97 -5.90 2.00
C ASN A 153 -6.98 -6.31 3.07
N THR A 154 -6.30 -7.45 2.87
CA THR A 154 -5.40 -7.94 3.90
C THR A 154 -4.18 -7.02 4.06
N TYR A 155 -3.56 -6.61 2.95
CA TYR A 155 -2.38 -5.75 3.09
C TYR A 155 -2.77 -4.33 3.50
N ALA A 156 -3.98 -3.87 3.17
CA ALA A 156 -4.38 -2.53 3.58
C ALA A 156 -4.76 -2.45 5.06
N LYS A 157 -5.36 -3.53 5.60
CA LYS A 157 -5.70 -3.57 7.02
C LYS A 157 -4.45 -3.57 7.87
N LEU A 158 -3.41 -4.29 7.41
CA LEU A 158 -2.14 -4.35 8.11
C LEU A 158 -1.27 -3.14 7.81
N GLY A 159 -1.43 -2.55 6.62
CA GLY A 159 -0.75 -1.31 6.28
C GLY A 159 0.76 -1.44 6.34
N ASN A 160 1.39 -0.35 6.78
CA ASN A 160 2.83 -0.35 7.00
C ASN A 160 3.22 -1.11 8.25
N GLY A 161 2.25 -1.75 8.91
CA GLY A 161 2.54 -2.72 9.96
C GLY A 161 3.09 -4.06 9.48
N VAL A 162 3.04 -4.34 8.18
CA VAL A 162 3.59 -5.57 7.61
C VAL A 162 4.51 -5.21 6.46
N LYS A 163 5.63 -5.95 6.32
CA LYS A 163 6.45 -5.78 5.12
C LYS A 163 5.63 -6.13 3.88
N GLN A 164 5.59 -5.22 2.92
CA GLN A 164 4.82 -5.42 1.71
C GLN A 164 5.60 -6.24 0.68
N ILE A 165 4.87 -6.82 -0.27
CA ILE A 165 5.50 -7.47 -1.41
C ILE A 165 6.40 -6.46 -2.10
N GLY A 166 7.66 -6.84 -2.33
CA GLY A 166 8.62 -5.95 -2.98
C GLY A 166 9.33 -4.97 -2.05
N GLN A 167 8.95 -4.90 -0.78
CA GLN A 167 9.65 -4.03 0.17
C GLN A 167 10.78 -4.82 0.85
N MET A 168 11.94 -4.18 1.02
CA MET A 168 13.03 -4.83 1.74
C MET A 168 12.86 -4.66 3.24
N PHE A 169 13.39 -5.62 4.01
CA PHE A 169 13.16 -5.57 5.45
C PHE A 169 13.85 -4.40 6.12
N VAL A 170 15.03 -3.99 5.65
CA VAL A 170 15.71 -2.85 6.30
C VAL A 170 14.84 -1.60 6.20
N ASP A 171 14.30 -1.32 5.01
CA ASP A 171 13.37 -0.19 4.85
C ASP A 171 12.18 -0.29 5.80
N PHE A 172 11.55 -1.47 5.85
CA PHE A 172 10.42 -1.68 6.76
C PHE A 172 10.81 -1.40 8.20
N CYS A 173 11.97 -1.89 8.62
CA CYS A 173 12.39 -1.73 10.01
C CYS A 173 12.82 -0.31 10.32
N GLU A 174 13.44 0.38 9.36
CA GLU A 174 13.76 1.81 9.53
C GLU A 174 12.50 2.63 9.78
N LYS A 175 11.45 2.40 8.97
CA LYS A 175 10.22 3.16 9.15
C LYS A 175 9.56 2.81 10.48
N ARG A 176 9.53 1.52 10.83
CA ARG A 176 8.84 1.09 12.04
C ARG A 176 9.46 1.67 13.30
N THR A 177 10.79 1.84 13.32
CA THR A 177 11.47 2.37 14.49
C THR A 177 11.89 3.83 14.36
N ASP A 178 11.51 4.50 13.27
CA ASP A 178 11.88 5.91 13.04
C ASP A 178 13.39 6.10 13.14
N PHE A 179 14.13 5.26 12.43
CA PHE A 179 15.58 5.29 12.43
C PHE A 179 16.08 5.22 11.01
N LYS A 180 17.01 6.10 10.66
CA LYS A 180 17.67 6.10 9.36
C LYS A 180 19.04 5.45 9.52
N TRP A 181 19.26 4.34 8.83
CA TRP A 181 20.51 3.59 8.94
C TRP A 181 21.44 3.99 7.79
N ASN A 182 22.57 4.60 8.12
CA ASN A 182 23.52 5.04 7.12
C ASN A 182 24.53 3.96 6.72
N GLU A 183 24.35 2.72 7.22
CA GLU A 183 25.27 1.62 6.94
C GLU A 183 26.71 1.99 7.26
N ASP A 184 26.91 2.86 8.26
CA ASP A 184 28.23 3.34 8.61
C ASP A 184 28.65 2.85 9.99
N ASN A 185 29.33 3.70 10.76
CA ASN A 185 29.89 3.32 12.06
C ASN A 185 28.91 3.51 13.21
N SER A 186 27.72 4.07 12.95
CA SER A 186 26.77 4.30 14.03
C SER A 186 26.32 2.97 14.64
N CYS A 187 25.97 3.01 15.93
CA CYS A 187 25.42 1.83 16.58
C CYS A 187 23.89 1.93 16.57
N PRO A 188 23.19 1.03 15.88
CA PRO A 188 21.76 1.21 15.66
C PRO A 188 20.95 0.98 16.92
N PRO A 189 19.76 1.58 17.03
CA PRO A 189 18.90 1.33 18.19
C PRO A 189 18.49 -0.14 18.25
N GLU A 190 18.26 -0.62 19.47
CA GLU A 190 17.99 -2.05 19.65
C GLU A 190 16.69 -2.48 18.97
N ALA A 191 15.66 -1.63 19.00
CA ALA A 191 14.40 -2.04 18.38
C ALA A 191 14.56 -2.24 16.87
N PHE A 192 15.41 -1.45 16.25
CA PHE A 192 15.70 -1.62 14.82
C PHE A 192 16.43 -2.93 14.59
N LEU A 193 17.46 -3.22 15.40
CA LEU A 193 18.21 -4.47 15.22
C LEU A 193 17.31 -5.68 15.41
N ASP A 194 16.47 -5.64 16.44
CA ASP A 194 15.52 -6.73 16.70
C ASP A 194 14.58 -6.93 15.52
N CYS A 195 14.06 -5.83 14.96
CA CYS A 195 13.17 -5.91 13.80
C CYS A 195 13.88 -6.54 12.60
N VAL A 196 15.10 -6.09 12.29
CA VAL A 196 15.84 -6.63 11.14
C VAL A 196 16.21 -8.09 11.38
N PHE A 197 16.74 -8.40 12.57
CA PHE A 197 17.20 -9.77 12.81
C PHE A 197 16.02 -10.75 12.82
N ARG A 198 14.86 -10.31 13.31
CA ARG A 198 13.68 -11.18 13.26
C ARG A 198 13.14 -11.32 11.85
N GLY A 199 13.23 -10.27 11.03
CA GLY A 199 12.83 -10.40 9.63
C GLY A 199 13.72 -11.35 8.84
N PHE A 200 15.03 -11.33 9.12
CA PHE A 200 15.97 -12.27 8.51
C PHE A 200 15.87 -13.67 9.13
N ARG A 201 15.08 -13.83 10.18
CA ARG A 201 15.07 -15.03 11.01
C ARG A 201 16.45 -15.37 11.58
N TRP A 202 17.35 -14.38 11.69
CA TRP A 202 18.56 -14.58 12.51
C TRP A 202 18.20 -14.74 13.97
N ILE A 203 17.14 -14.08 14.43
CA ILE A 203 16.54 -14.27 15.74
C ILE A 203 15.16 -14.85 15.52
N THR A 204 14.85 -15.95 16.21
CA THR A 204 13.61 -16.66 15.97
C THR A 204 12.44 -15.95 16.64
N GLU A 205 11.22 -16.39 16.34
CA GLU A 205 10.04 -15.82 16.98
C GLU A 205 10.10 -15.97 18.49
N GLU A 206 10.73 -17.04 18.97
CA GLU A 206 10.88 -17.28 20.40
C GLU A 206 12.06 -16.52 21.00
N GLY A 207 12.83 -15.81 20.18
CA GLY A 207 13.93 -15.00 20.65
C GLY A 207 15.28 -15.67 20.67
N GLU A 208 15.44 -16.81 20.03
CA GLU A 208 16.72 -17.53 20.06
C GLU A 208 17.56 -17.16 18.86
N VAL A 209 18.89 -17.24 19.04
CA VAL A 209 19.80 -17.00 17.92
C VAL A 209 19.75 -18.21 16.98
N ASN A 210 19.60 -17.94 15.70
CA ASN A 210 19.47 -18.98 14.65
C ASN A 210 20.79 -19.03 13.88
N VAL A 211 21.76 -19.79 14.39
CA VAL A 211 23.10 -19.74 13.82
C VAL A 211 23.13 -20.26 12.38
N ASN A 212 22.32 -21.28 12.06
CA ASN A 212 22.38 -21.83 10.71
C ASN A 212 21.94 -20.81 9.67
N GLU A 213 21.01 -19.93 10.00
CA GLU A 213 20.58 -18.89 9.07
C GLU A 213 21.65 -17.81 8.93
N ILE A 214 22.28 -17.41 10.04
CA ILE A 214 23.37 -16.44 9.94
C ILE A 214 24.49 -16.97 9.07
N ARG A 215 24.94 -18.21 9.35
CA ARG A 215 25.98 -18.82 8.53
C ARG A 215 25.59 -18.86 7.06
N ARG A 216 24.36 -19.29 6.79
CA ARG A 216 23.84 -19.31 5.42
C ARG A 216 24.03 -17.97 4.73
N ASP A 217 23.68 -16.88 5.41
CA ASP A 217 23.72 -15.55 4.80
C ASP A 217 25.15 -15.04 4.65
N TYR A 218 26.03 -15.35 5.62
CA TYR A 218 27.44 -15.01 5.47
C TYR A 218 28.06 -15.75 4.28
N GLU A 219 27.77 -17.05 4.16
CA GLU A 219 28.34 -17.80 3.04
C GLU A 219 27.80 -17.32 1.70
N ALA A 220 26.50 -17.01 1.63
CA ALA A 220 25.93 -16.53 0.36
C ALA A 220 26.53 -15.19 -0.06
N ALA A 221 26.94 -14.37 0.91
CA ALA A 221 27.56 -13.09 0.61
C ALA A 221 29.06 -13.20 0.36
N GLY A 222 29.62 -14.40 0.43
CA GLY A 222 31.05 -14.56 0.24
C GLY A 222 31.88 -14.13 1.43
N LYS A 223 31.28 -14.02 2.62
CA LYS A 223 31.98 -13.60 3.81
C LYS A 223 32.13 -14.73 4.83
N GLY A 224 31.94 -15.98 4.40
CA GLY A 224 32.14 -17.11 5.29
C GLY A 224 33.63 -17.34 5.52
N ALA A 225 34.03 -17.41 6.79
CA ALA A 225 35.43 -17.62 7.11
C ALA A 225 35.53 -18.43 8.41
N ALA A 226 36.72 -18.95 8.66
CA ALA A 226 36.95 -19.71 9.88
C ALA A 226 36.98 -18.80 11.11
N ASP A 227 37.40 -17.53 10.94
CA ASP A 227 37.41 -16.60 12.06
C ASP A 227 36.00 -16.23 12.54
N MET A 228 34.98 -16.49 11.72
CA MET A 228 33.61 -16.34 12.18
C MET A 228 33.25 -17.37 13.23
N ALA A 229 34.04 -18.44 13.34
CA ALA A 229 33.88 -19.46 14.38
C ALA A 229 32.45 -19.98 14.46
N ASP A 230 31.82 -19.78 15.61
CA ASP A 230 30.49 -20.29 15.89
C ASP A 230 29.37 -19.37 15.40
N TYR A 231 29.72 -18.30 14.66
CA TYR A 231 28.75 -17.31 14.18
C TYR A 231 27.87 -16.79 15.32
N CYS A 232 28.46 -16.69 16.52
CA CYS A 232 27.86 -16.06 17.70
C CYS A 232 26.69 -16.88 18.26
N GLY A 233 26.72 -18.22 18.08
CA GLY A 233 25.75 -19.06 18.74
C GLY A 233 25.76 -18.95 20.24
N SER A 234 26.93 -18.68 20.82
CA SER A 234 27.09 -18.56 22.26
C SER A 234 26.20 -17.47 22.86
N VAL A 235 25.83 -16.49 22.06
CA VAL A 235 25.06 -15.35 22.53
C VAL A 235 23.66 -15.75 22.99
N GLY A 238 19.48 -11.62 23.01
CA GLY A 238 19.15 -10.25 22.66
C GLY A 238 19.74 -9.78 21.34
N ALA A 239 19.07 -8.85 20.66
CA ALA A 239 19.54 -8.39 19.36
C ALA A 239 20.76 -7.49 19.47
N ARG A 240 20.85 -6.71 20.54
CA ARG A 240 22.05 -5.92 20.79
C ARG A 240 23.25 -6.83 21.01
N GLN A 241 23.07 -7.91 21.77
CA GLN A 241 24.18 -8.82 22.04
C GLN A 241 24.64 -9.51 20.77
N LEU A 242 23.69 -9.96 19.94
CA LEU A 242 24.04 -10.61 18.68
C LEU A 242 24.75 -9.64 17.74
N TYR A 243 24.19 -8.44 17.58
CA TYR A 243 24.81 -7.41 16.75
C TYR A 243 26.25 -7.12 17.19
N ASN A 244 26.45 -6.83 18.47
CA ASN A 244 27.79 -6.53 18.97
C ASN A 244 28.75 -7.70 18.72
N CYS A 245 28.27 -8.93 18.89
CA CYS A 245 29.13 -10.09 18.72
C CYS A 245 29.55 -10.26 17.26
N LEU A 246 28.61 -10.10 16.33
CA LEU A 246 28.94 -10.20 14.91
C LEU A 246 29.81 -9.04 14.45
N ARG A 247 29.47 -7.81 14.87
CA ARG A 247 30.28 -6.66 14.46
C ARG A 247 31.72 -6.80 14.96
N ASP A 248 31.91 -7.42 16.14
CA ASP A 248 33.27 -7.59 16.66
C ASP A 248 34.09 -8.57 15.83
N LYS A 249 33.44 -9.38 14.98
CA LYS A 249 34.14 -10.30 14.10
C LYS A 249 34.42 -9.69 12.72
N GLY A 250 34.02 -8.45 12.50
CA GLY A 250 34.30 -7.76 11.26
C GLY A 250 33.14 -6.88 10.86
N ALA A 251 33.25 -5.57 11.09
CA ALA A 251 32.10 -4.69 10.89
C ALA A 251 31.75 -4.54 9.42
N ASP A 252 32.75 -4.45 8.54
CA ASP A 252 32.45 -4.30 7.12
C ASP A 252 31.78 -5.56 6.57
N SER A 253 32.25 -6.73 6.97
CA SER A 253 31.58 -7.97 6.57
C SER A 253 30.13 -7.98 7.00
N LEU A 254 29.85 -7.56 8.23
CA LEU A 254 28.47 -7.58 8.72
C LEU A 254 27.58 -6.69 7.86
N VAL A 255 28.04 -5.48 7.56
CA VAL A 255 27.24 -4.61 6.68
C VAL A 255 27.03 -5.26 5.32
N ALA A 256 28.08 -5.87 4.78
CA ALA A 256 27.95 -6.51 3.47
C ALA A 256 26.94 -7.65 3.53
N VAL A 257 26.95 -8.42 4.61
CA VAL A 257 26.00 -9.54 4.73
C VAL A 257 24.59 -9.02 4.86
N ILE A 258 24.37 -8.01 5.72
CA ILE A 258 23.03 -7.45 5.87
C ILE A 258 22.52 -6.92 4.54
N ARG A 259 23.36 -6.21 3.81
CA ARG A 259 22.92 -5.60 2.56
C ARG A 259 22.56 -6.66 1.52
N ASP A 260 23.35 -7.74 1.48
CA ASP A 260 23.10 -8.83 0.54
C ASP A 260 21.81 -9.58 0.87
N ARG A 261 21.59 -9.94 2.13
CA ARG A 261 20.34 -10.57 2.51
C ARG A 261 19.17 -9.63 2.31
N ASN A 262 19.36 -8.34 2.62
CA ASN A 262 18.27 -7.38 2.49
C ASN A 262 17.71 -7.38 1.06
N GLN A 263 18.58 -7.38 0.05
CA GLN A 263 18.09 -7.37 -1.33
C GLN A 263 17.18 -8.56 -1.59
N LYS A 264 17.44 -9.68 -0.93
CA LYS A 264 16.67 -10.89 -1.11
C LYS A 264 15.34 -10.88 -0.38
N THR A 265 15.10 -9.91 0.51
CA THR A 265 13.85 -9.90 1.24
C THR A 265 12.73 -9.19 0.51
N ALA A 266 12.99 -8.57 -0.64
CA ALA A 266 11.95 -7.85 -1.36
C ALA A 266 10.90 -8.81 -1.92
N PHE A 267 11.34 -9.76 -2.77
CA PHE A 267 10.45 -10.71 -3.43
C PHE A 267 10.85 -12.13 -3.03
N TYR A 268 10.04 -12.76 -2.18
CA TYR A 268 10.33 -14.13 -1.76
C TYR A 268 10.31 -15.09 -2.94
N PHE A 269 9.46 -14.83 -3.92
CA PHE A 269 9.58 -15.46 -5.23
C PHE A 269 9.01 -14.49 -6.24
N ASP A 270 9.34 -14.73 -7.51
CA ASP A 270 8.93 -13.84 -8.59
C ASP A 270 7.50 -14.17 -9.02
N LEU A 271 6.54 -13.31 -8.69
CA LEU A 271 5.15 -13.58 -9.02
C LEU A 271 4.88 -13.56 -10.52
N SER A 272 5.83 -13.08 -11.32
CA SER A 272 5.75 -13.13 -12.77
C SER A 272 6.51 -14.31 -13.38
N SER A 273 7.05 -15.19 -12.55
CA SER A 273 7.86 -16.30 -13.07
C SER A 273 6.99 -17.24 -13.88
N LYS A 274 7.55 -17.73 -14.99
CA LYS A 274 6.93 -18.76 -15.79
C LYS A 274 7.50 -20.15 -15.51
N GLU A 275 8.40 -20.27 -14.54
CA GLU A 275 8.89 -21.57 -14.11
C GLU A 275 7.99 -22.15 -13.04
N GLU A 276 7.90 -23.48 -13.00
CA GLU A 276 7.14 -24.13 -11.95
C GLU A 276 8.00 -24.37 -10.73
N PRO A 277 7.40 -24.45 -9.52
CA PRO A 277 5.97 -24.41 -9.21
C PRO A 277 5.40 -22.99 -9.15
N TRP A 278 6.24 -21.99 -9.38
CA TRP A 278 5.84 -20.60 -9.14
C TRP A 278 4.70 -20.19 -10.05
N LYS A 279 4.75 -20.57 -11.34
CA LYS A 279 3.69 -20.18 -12.26
C LYS A 279 2.35 -20.77 -11.85
N SER A 280 2.34 -22.04 -11.44
CA SER A 280 1.10 -22.66 -10.99
C SER A 280 0.62 -22.02 -9.69
N ALA A 281 1.55 -21.62 -8.81
CA ALA A 281 1.13 -21.02 -7.54
C ALA A 281 0.34 -19.76 -7.78
N VAL A 282 0.81 -18.91 -8.69
CA VAL A 282 0.15 -17.64 -8.98
C VAL A 282 -1.18 -17.86 -9.69
N ASP A 283 -1.20 -18.76 -10.68
CA ASP A 283 -2.43 -18.97 -11.44
C ASP A 283 -3.55 -19.52 -10.56
N PHE A 284 -3.19 -20.40 -9.63
CA PHE A 284 -4.20 -20.98 -8.75
C PHE A 284 -4.76 -19.94 -7.80
N ALA A 285 -3.88 -19.15 -7.19
CA ALA A 285 -4.34 -18.19 -6.18
C ALA A 285 -5.09 -17.02 -6.82
N ASN A 286 -4.80 -16.73 -8.09
CA ASN A 286 -5.45 -15.65 -8.80
C ASN A 286 -6.88 -15.99 -9.22
N ASN A 287 -7.23 -17.27 -9.30
CA ASN A 287 -8.43 -17.63 -10.03
C ASN A 287 -9.33 -18.56 -9.23
N LEU A 288 -9.44 -18.34 -7.92
CA LEU A 288 -10.43 -19.06 -7.13
C LEU A 288 -11.80 -18.40 -7.22
N GLU B 20 11.85 -8.97 -22.07
CA GLU B 20 10.55 -9.54 -22.41
C GLU B 20 9.45 -8.63 -21.90
N TRP B 21 8.46 -8.40 -22.77
CA TRP B 21 7.32 -7.54 -22.43
C TRP B 21 6.54 -8.11 -21.26
N GLN B 22 6.34 -7.28 -20.23
CA GLN B 22 5.61 -7.70 -19.04
C GLN B 22 4.20 -7.11 -19.06
N PRO B 23 3.25 -7.79 -18.42
CA PRO B 23 1.90 -7.21 -18.29
C PRO B 23 1.96 -5.79 -17.77
N ARG B 24 1.16 -4.90 -18.38
CA ARG B 24 1.13 -3.50 -18.00
C ARG B 24 0.62 -3.35 -16.58
N THR B 25 1.36 -2.61 -15.76
CA THR B 25 0.90 -2.24 -14.42
C THR B 25 -0.12 -1.10 -14.51
N PRO B 26 -0.81 -0.80 -13.40
CA PRO B 26 -1.67 0.40 -13.38
C PRO B 26 -0.88 1.69 -13.50
N GLU B 27 0.41 1.70 -13.13
CA GLU B 27 1.21 2.89 -13.41
C GLU B 27 1.37 3.08 -14.92
N GLN B 28 1.63 1.99 -15.64
CA GLN B 28 1.85 2.08 -17.09
C GLN B 28 0.56 2.42 -17.84
N THR B 29 -0.57 1.76 -17.51
CA THR B 29 -1.81 2.13 -18.18
C THR B 29 -2.21 3.57 -17.86
N LEU B 30 -2.11 3.99 -16.61
CA LEU B 30 -2.49 5.37 -16.29
C LEU B 30 -1.60 6.36 -17.03
N TYR B 31 -0.29 6.08 -17.10
CA TYR B 31 0.61 6.97 -17.82
C TYR B 31 0.17 7.13 -19.27
N ALA B 32 -0.12 6.00 -19.92
CA ALA B 32 -0.51 6.04 -21.32
C ALA B 32 -1.86 6.74 -21.51
N TYR B 33 -2.84 6.42 -20.66
CA TYR B 33 -4.16 7.05 -20.82
C TYR B 33 -4.07 8.57 -20.68
N VAL B 34 -3.37 9.03 -19.65
CA VAL B 34 -3.30 10.47 -19.36
C VAL B 34 -2.47 11.20 -20.41
N ARG B 35 -1.30 10.64 -20.77
CA ARG B 35 -0.44 11.34 -21.71
C ARG B 35 -1.06 11.40 -23.11
N CYS B 36 -1.70 10.31 -23.54
CA CYS B 36 -2.38 10.36 -24.84
C CYS B 36 -3.59 11.30 -24.81
N LEU B 37 -4.26 11.44 -23.66
CA LEU B 37 -5.37 12.40 -23.57
C LEU B 37 -4.86 13.84 -23.71
N ASN B 38 -3.79 14.18 -23.01
CA ASN B 38 -3.31 15.56 -23.01
C ASN B 38 -2.59 15.90 -24.32
N ASP B 39 -2.05 14.89 -25.02
CA ASP B 39 -1.50 15.17 -26.35
C ASP B 39 -2.57 15.38 -27.39
N SER B 40 -3.83 15.11 -27.08
CA SER B 40 -4.92 15.25 -28.04
C SER B 40 -5.60 16.62 -27.91
N SER B 41 -5.93 17.22 -29.06
CA SER B 41 -6.72 18.43 -29.11
C SER B 41 -8.21 18.17 -29.29
N ALA B 42 -8.65 16.92 -29.12
CA ALA B 42 -10.05 16.58 -29.31
C ALA B 42 -10.94 17.33 -28.31
N SER B 43 -12.23 17.45 -28.66
CA SER B 43 -13.21 18.05 -27.80
C SER B 43 -13.33 17.28 -26.49
N ILE B 44 -13.89 17.96 -25.48
CA ILE B 44 -14.13 17.30 -24.19
C ILE B 44 -15.16 16.19 -24.32
N GLU B 45 -16.19 16.39 -25.15
CA GLU B 45 -17.19 15.34 -25.30
C GLU B 45 -16.55 14.07 -25.84
N GLN B 46 -15.65 14.23 -26.81
CA GLN B 46 -14.91 13.07 -27.33
C GLN B 46 -14.09 12.43 -26.23
N LYS B 47 -13.34 13.23 -25.46
CA LYS B 47 -12.50 12.64 -24.41
C LYS B 47 -13.33 11.97 -23.32
N ILE B 48 -14.54 12.44 -23.06
CA ILE B 48 -15.42 11.75 -22.12
C ILE B 48 -15.80 10.37 -22.64
N ASN B 49 -16.14 10.28 -23.94
CA ASN B 49 -16.39 8.97 -24.53
C ASN B 49 -15.20 8.04 -24.40
N TRP B 50 -13.98 8.59 -24.50
CA TRP B 50 -12.81 7.73 -24.41
C TRP B 50 -12.64 7.17 -23.00
N VAL B 51 -12.81 8.02 -21.98
CA VAL B 51 -12.60 7.51 -20.62
C VAL B 51 -13.71 6.56 -20.18
N LYS B 52 -14.82 6.49 -20.92
CA LYS B 52 -15.84 5.47 -20.74
C LYS B 52 -15.63 4.27 -21.67
N TRP B 53 -14.45 4.17 -22.26
CA TRP B 53 -14.03 3.02 -23.05
C TRP B 53 -14.86 2.82 -24.32
N HIS B 54 -15.46 3.86 -24.89
CA HIS B 54 -16.08 3.74 -26.21
C HIS B 54 -15.67 4.89 -27.12
N PRO B 55 -14.45 4.84 -27.66
CA PRO B 55 -14.05 5.80 -28.69
C PRO B 55 -14.81 5.56 -29.99
N ASP B 56 -15.26 6.65 -30.61
CA ASP B 56 -15.99 6.51 -31.87
C ASP B 56 -15.02 6.40 -33.03
N THR B 57 -15.52 6.57 -34.25
CA THR B 57 -14.71 6.37 -35.45
C THR B 57 -14.11 7.66 -36.00
N THR B 58 -14.25 8.78 -35.30
CA THR B 58 -13.63 10.00 -35.79
C THR B 58 -12.11 9.86 -35.74
N TYR B 59 -11.43 10.74 -36.50
CA TYR B 59 -9.98 10.65 -36.61
C TYR B 59 -9.30 10.83 -35.25
N GLU B 60 -9.77 11.78 -34.45
CA GLU B 60 -9.14 11.99 -33.15
C GLU B 60 -9.28 10.76 -32.25
N SER B 61 -10.41 10.06 -32.32
CA SER B 61 -10.58 8.83 -31.54
C SER B 61 -9.69 7.71 -32.07
N GLN B 62 -9.58 7.59 -33.40
CA GLN B 62 -8.67 6.60 -33.96
C GLN B 62 -7.24 6.87 -33.54
N CYS B 63 -6.84 8.15 -33.53
CA CYS B 63 -5.48 8.44 -33.12
C CYS B 63 -5.27 8.18 -31.63
N TYR B 64 -6.30 8.38 -30.81
CA TYR B 64 -6.16 8.06 -29.38
C TYR B 64 -5.92 6.58 -29.18
N VAL B 65 -6.67 5.74 -29.88
CA VAL B 65 -6.47 4.30 -29.76
C VAL B 65 -5.07 3.89 -30.22
N LYS B 66 -4.60 4.48 -31.33
CA LYS B 66 -3.25 4.17 -31.81
C LYS B 66 -2.20 4.60 -30.77
N CYS B 67 -2.33 5.81 -30.24
CA CYS B 67 -1.41 6.34 -29.24
C CYS B 67 -1.34 5.42 -28.02
N VAL B 68 -2.49 5.05 -27.46
CA VAL B 68 -2.47 4.21 -26.25
C VAL B 68 -1.90 2.84 -26.57
N SER B 69 -2.28 2.27 -27.72
CA SER B 69 -1.77 0.98 -28.14
C SER B 69 -0.25 1.02 -28.29
N GLU B 70 0.28 2.05 -28.96
CA GLU B 70 1.73 2.15 -29.12
C GLU B 70 2.42 2.38 -27.78
N GLU B 71 1.84 3.24 -26.92
CA GLU B 71 2.52 3.52 -25.66
C GLU B 71 2.60 2.29 -24.77
N LEU B 72 1.58 1.42 -24.81
CA LEU B 72 1.60 0.18 -24.04
C LEU B 72 2.31 -0.96 -24.74
N ARG B 73 2.91 -0.69 -25.91
CA ARG B 73 3.60 -1.69 -26.71
C ARG B 73 2.68 -2.86 -27.07
N LEU B 74 1.39 -2.57 -27.25
CA LEU B 74 0.46 -3.53 -27.81
C LEU B 74 0.46 -3.50 -29.32
N TYR B 75 0.67 -2.33 -29.91
CA TYR B 75 0.86 -2.17 -31.34
C TYR B 75 2.32 -1.85 -31.62
N ASP B 76 2.92 -2.56 -32.55
CA ASP B 76 4.32 -2.47 -32.92
C ASP B 76 4.44 -1.75 -34.26
N PRO B 77 4.83 -0.46 -34.28
CA PRO B 77 4.90 0.25 -35.57
C PRO B 77 6.07 -0.17 -36.45
N LYS B 78 7.08 -0.85 -35.91
CA LYS B 78 8.19 -1.31 -36.76
C LYS B 78 7.77 -2.52 -37.60
N GLU B 79 7.08 -3.47 -36.99
CA GLU B 79 6.54 -4.62 -37.71
C GLU B 79 5.17 -4.34 -38.30
N LYS B 80 4.56 -3.19 -37.99
CA LYS B 80 3.22 -2.80 -38.41
C LYS B 80 2.18 -3.87 -38.05
N ARG B 81 2.09 -4.16 -36.75
CA ARG B 81 1.32 -5.31 -36.31
C ARG B 81 0.91 -5.15 -34.86
N PHE B 82 -0.32 -5.54 -34.54
CA PHE B 82 -0.65 -5.79 -33.14
C PHE B 82 0.05 -7.07 -32.67
N ARG B 83 0.27 -7.14 -31.37
CA ARG B 83 0.94 -8.27 -30.75
C ARG B 83 -0.11 -9.03 -29.94
N PRO B 84 -0.85 -9.96 -30.56
CA PRO B 84 -1.95 -10.61 -29.84
C PRO B 84 -1.49 -11.32 -28.57
N GLU B 85 -0.28 -11.89 -28.57
CA GLU B 85 0.20 -12.63 -27.41
C GLU B 85 0.35 -11.75 -26.19
N ARG B 86 0.51 -10.43 -26.38
CA ARG B 86 0.61 -9.53 -25.23
C ARG B 86 -0.75 -9.27 -24.61
N PHE B 87 -1.81 -9.22 -25.43
CA PHE B 87 -3.17 -9.20 -24.87
C PHE B 87 -3.45 -10.47 -24.07
N VAL B 88 -2.99 -11.63 -24.56
CA VAL B 88 -3.18 -12.88 -23.84
C VAL B 88 -2.45 -12.84 -22.51
N LEU B 89 -1.20 -12.35 -22.51
CA LEU B 89 -0.43 -12.30 -21.27
C LEU B 89 -1.07 -11.34 -20.29
N GLN B 90 -1.62 -10.22 -20.79
CA GLN B 90 -2.33 -9.29 -19.91
C GLN B 90 -3.55 -9.94 -19.28
N ALA B 91 -4.33 -10.68 -20.08
CA ALA B 91 -5.52 -11.33 -19.54
C ALA B 91 -5.17 -12.39 -18.51
N GLU B 92 -4.11 -13.16 -18.77
CA GLU B 92 -3.71 -14.18 -17.81
C GLU B 92 -3.31 -13.59 -16.47
N SER B 93 -2.73 -12.39 -16.47
CA SER B 93 -2.28 -11.78 -15.23
C SER B 93 -3.41 -11.08 -14.48
N PHE B 94 -4.35 -10.47 -15.20
CA PHE B 94 -5.27 -9.51 -14.56
C PHE B 94 -6.76 -9.73 -14.81
N PHE B 95 -7.17 -10.78 -15.50
CA PHE B 95 -8.60 -11.05 -15.68
C PHE B 95 -8.96 -12.36 -14.98
N HIS B 96 -9.66 -12.25 -13.84
CA HIS B 96 -10.06 -13.41 -13.05
C HIS B 96 -11.56 -13.52 -12.86
N ALA B 97 -12.34 -12.71 -13.56
CA ALA B 97 -13.78 -12.65 -13.33
C ALA B 97 -14.59 -13.69 -14.10
N ASP B 98 -14.02 -14.35 -15.12
CA ASP B 98 -14.83 -15.24 -15.95
C ASP B 98 -13.95 -16.20 -16.76
N PRO B 99 -13.79 -17.45 -16.32
CA PRO B 99 -12.93 -18.38 -17.06
C PRO B 99 -13.34 -18.55 -18.52
N GLU B 100 -14.64 -18.60 -18.80
CA GLU B 100 -15.07 -18.79 -20.18
C GLU B 100 -14.68 -17.61 -21.06
N GLN B 101 -14.80 -16.38 -20.54
CA GLN B 101 -14.40 -15.20 -21.31
C GLN B 101 -12.88 -15.11 -21.44
N LEU B 102 -12.14 -15.59 -20.44
CA LEU B 102 -10.69 -15.63 -20.57
C LEU B 102 -10.27 -16.55 -21.71
N GLN B 103 -10.88 -17.75 -21.78
CA GLN B 103 -10.54 -18.68 -22.84
C GLN B 103 -10.97 -18.16 -24.20
N ALA B 104 -12.10 -17.46 -24.27
CA ALA B 104 -12.53 -16.87 -25.54
C ALA B 104 -11.50 -15.86 -26.05
N LEU B 105 -11.02 -14.99 -25.16
CA LEU B 105 -9.98 -14.05 -25.57
C LEU B 105 -8.73 -14.78 -26.07
N LYS B 106 -8.31 -15.81 -25.34
CA LYS B 106 -7.16 -16.62 -25.80
C LYS B 106 -7.38 -17.18 -27.19
N ASN B 107 -8.58 -17.69 -27.48
CA ASN B 107 -8.83 -18.29 -28.80
C ASN B 107 -8.92 -17.23 -29.90
N ASN B 108 -9.39 -16.03 -29.57
CA ASN B 108 -9.69 -15.03 -30.59
C ASN B 108 -8.56 -14.07 -30.89
N ALA B 109 -7.60 -13.91 -29.96
CA ALA B 109 -6.61 -12.85 -30.08
C ALA B 109 -5.82 -12.96 -31.38
N GLU B 110 -5.23 -14.12 -31.65
CA GLU B 110 -4.42 -14.26 -32.86
C GLU B 110 -5.26 -14.15 -34.13
N PRO B 111 -6.39 -14.84 -34.30
CA PRO B 111 -7.13 -14.70 -35.56
C PRO B 111 -7.67 -13.30 -35.79
N MET B 112 -8.16 -12.61 -34.74
CA MET B 112 -8.74 -11.29 -34.95
C MET B 112 -7.69 -10.18 -35.07
N LEU B 113 -6.50 -10.35 -34.51
CA LEU B 113 -5.50 -9.29 -34.55
C LEU B 113 -4.36 -9.54 -35.54
N ALA B 114 -4.32 -10.71 -36.17
CA ALA B 114 -3.21 -11.07 -37.03
C ALA B 114 -3.20 -10.24 -38.31
N GLY B 115 -2.00 -10.04 -38.85
CA GLY B 115 -1.85 -9.40 -40.14
C GLY B 115 -0.99 -8.16 -40.08
N VAL B 116 -0.07 -8.03 -41.02
CA VAL B 116 0.76 -6.83 -41.12
C VAL B 116 -0.03 -5.77 -41.89
N LEU B 117 -0.07 -4.56 -41.36
CA LEU B 117 -0.87 -3.49 -41.92
C LEU B 117 -0.12 -2.80 -43.06
N ALA B 118 -0.86 -2.19 -43.99
CA ALA B 118 -0.20 -1.53 -45.12
C ALA B 118 0.54 -0.27 -44.66
N ASP B 119 0.06 0.39 -43.61
CA ASP B 119 0.66 1.60 -43.05
C ASP B 119 0.32 1.67 -41.57
N ASN B 120 0.94 2.64 -40.88
CA ASN B 120 0.72 2.89 -39.46
C ASN B 120 -0.28 4.02 -39.18
N SER B 121 -1.14 4.35 -40.13
CA SER B 121 -2.09 5.44 -39.93
C SER B 121 -3.06 5.11 -38.80
N CYS B 122 -3.60 6.17 -38.17
CA CYS B 122 -4.58 5.97 -37.09
C CYS B 122 -5.76 5.14 -37.58
N GLU B 123 -6.18 5.36 -38.83
CA GLU B 123 -7.31 4.62 -39.36
C GLU B 123 -7.00 3.14 -39.49
N SER B 124 -5.81 2.79 -40.01
CA SER B 124 -5.49 1.37 -40.19
C SER B 124 -5.38 0.65 -38.85
N VAL B 125 -4.77 1.30 -37.86
CA VAL B 125 -4.60 0.64 -36.57
C VAL B 125 -5.95 0.48 -35.86
N PHE B 126 -6.76 1.54 -35.83
CA PHE B 126 -8.09 1.47 -35.22
C PHE B 126 -8.95 0.41 -35.90
N ASN B 127 -8.99 0.41 -37.23
CA ASN B 127 -9.84 -0.56 -37.94
C ASN B 127 -9.39 -2.00 -37.69
N LYS B 128 -8.09 -2.23 -37.58
CA LYS B 128 -7.60 -3.57 -37.32
C LYS B 128 -7.99 -4.04 -35.93
N TYR B 129 -8.03 -3.13 -34.97
CA TYR B 129 -8.39 -3.46 -33.59
C TYR B 129 -9.89 -3.71 -33.40
N ALA B 130 -10.72 -3.23 -34.33
CA ALA B 130 -12.13 -3.00 -34.03
C ALA B 130 -12.87 -4.28 -33.64
N THR B 131 -12.70 -5.37 -34.41
CA THR B 131 -13.46 -6.59 -34.15
C THR B 131 -13.11 -7.18 -32.80
N PHE B 132 -11.81 -7.30 -32.51
CA PHE B 132 -11.37 -7.81 -31.21
C PHE B 132 -11.87 -6.95 -30.08
N TYR B 133 -11.79 -5.64 -30.24
CA TYR B 133 -12.22 -4.74 -29.17
C TYR B 133 -13.72 -4.86 -28.91
N ALA B 134 -14.52 -5.02 -29.97
CA ALA B 134 -15.97 -5.13 -29.78
C ALA B 134 -16.32 -6.45 -29.12
N THR B 135 -15.61 -7.52 -29.49
CA THR B 135 -15.94 -8.85 -29.02
C THR B 135 -15.51 -9.09 -27.58
N HIS B 136 -14.44 -8.40 -27.12
CA HIS B 136 -13.89 -8.62 -25.78
C HIS B 136 -13.82 -7.34 -24.98
N HIS B 137 -14.73 -6.40 -25.24
CA HIS B 137 -14.71 -5.06 -24.66
C HIS B 137 -14.54 -5.10 -23.15
N SER B 138 -15.46 -5.76 -22.45
CA SER B 138 -15.44 -5.70 -20.99
C SER B 138 -14.26 -6.45 -20.39
N THR B 139 -13.75 -7.48 -21.09
CA THR B 139 -12.55 -8.17 -20.64
C THR B 139 -11.32 -7.29 -20.77
N ILE B 140 -11.18 -6.60 -21.91
CA ILE B 140 -10.04 -5.69 -22.13
C ILE B 140 -10.05 -4.57 -21.11
N LEU B 141 -11.20 -3.94 -20.91
CA LEU B 141 -11.33 -2.89 -19.91
C LEU B 141 -10.79 -3.36 -18.55
N ARG B 142 -11.22 -4.53 -18.12
CA ARG B 142 -10.86 -4.98 -16.78
C ARG B 142 -9.37 -5.32 -16.68
N MET B 143 -8.81 -6.00 -17.69
CA MET B 143 -7.42 -6.47 -17.57
C MET B 143 -6.42 -5.34 -17.72
N PHE B 144 -6.81 -4.21 -18.30
CA PHE B 144 -5.99 -3.01 -18.35
C PHE B 144 -6.40 -1.98 -17.30
N HIS B 145 -6.93 -2.44 -16.17
CA HIS B 145 -7.07 -1.65 -14.95
C HIS B 145 -8.16 -0.57 -15.07
N GLY B 146 -9.16 -0.81 -15.90
CA GLY B 146 -10.25 0.12 -16.05
C GLY B 146 -11.33 0.05 -14.99
N ASP B 147 -11.37 -1.02 -14.18
CA ASP B 147 -12.44 -1.24 -13.21
C ASP B 147 -11.85 -1.10 -11.82
N TYR B 148 -12.29 -0.08 -11.07
CA TYR B 148 -11.68 0.21 -9.78
C TYR B 148 -12.12 -0.75 -8.69
N ARG B 149 -13.05 -1.66 -8.96
CA ARG B 149 -13.33 -2.71 -7.99
C ARG B 149 -12.11 -3.58 -7.73
N ASP B 150 -11.15 -3.59 -8.66
CA ASP B 150 -9.94 -4.41 -8.58
C ASP B 150 -8.74 -3.65 -8.06
N ILE B 151 -8.85 -2.33 -7.81
CA ILE B 151 -7.64 -1.53 -7.68
C ILE B 151 -6.86 -1.92 -6.43
N GLY B 152 -7.56 -2.31 -5.37
CA GLY B 152 -6.89 -2.74 -4.15
C GLY B 152 -6.08 -4.00 -4.36
N ASN B 153 -6.70 -5.03 -4.94
CA ASN B 153 -6.00 -6.30 -5.19
C ASN B 153 -4.80 -6.11 -6.11
N THR B 154 -4.98 -5.33 -7.17
CA THR B 154 -3.91 -5.12 -8.15
C THR B 154 -2.69 -4.45 -7.52
N TYR B 155 -2.90 -3.37 -6.76
CA TYR B 155 -1.73 -2.68 -6.20
C TYR B 155 -1.11 -3.47 -5.04
N ALA B 156 -1.89 -4.30 -4.34
CA ALA B 156 -1.28 -5.08 -3.26
C ALA B 156 -0.50 -6.28 -3.79
N LYS B 157 -0.96 -6.90 -4.88
CA LYS B 157 -0.21 -7.99 -5.50
C LYS B 157 1.11 -7.50 -6.05
N LEU B 158 1.13 -6.30 -6.61
CA LEU B 158 2.38 -5.71 -7.09
C LEU B 158 3.21 -5.09 -5.95
N GLY B 159 2.55 -4.58 -4.91
CA GLY B 159 3.24 -4.00 -3.77
C GLY B 159 4.21 -2.90 -4.14
N ASN B 160 5.38 -2.91 -3.51
CA ASN B 160 6.47 -2.00 -3.83
C ASN B 160 7.14 -2.31 -5.14
N GLY B 161 6.68 -3.32 -5.88
CA GLY B 161 7.17 -3.49 -7.23
C GLY B 161 6.60 -2.52 -8.25
N VAL B 162 5.60 -1.72 -7.89
CA VAL B 162 5.02 -0.72 -8.78
C VAL B 162 4.96 0.60 -8.04
N LYS B 163 5.16 1.70 -8.77
CA LYS B 163 4.98 3.01 -8.16
C LYS B 163 3.50 3.21 -7.81
N GLN B 164 3.22 3.56 -6.56
CA GLN B 164 1.85 3.71 -6.14
C GLN B 164 1.31 5.08 -6.54
N ILE B 165 -0.01 5.20 -6.54
CA ILE B 165 -0.64 6.52 -6.72
C ILE B 165 -0.13 7.42 -5.61
N GLY B 166 0.27 8.64 -5.96
CA GLY B 166 0.78 9.58 -4.98
C GLY B 166 2.24 9.40 -4.58
N GLN B 167 2.89 8.32 -5.00
CA GLN B 167 4.32 8.12 -4.76
C GLN B 167 5.14 8.71 -5.90
N MET B 168 6.24 9.38 -5.54
CA MET B 168 7.11 9.94 -6.58
C MET B 168 8.10 8.88 -7.05
N PHE B 169 8.58 9.05 -8.29
CA PHE B 169 9.42 8.02 -8.88
C PHE B 169 10.79 7.93 -8.22
N VAL B 170 11.37 9.06 -7.79
CA VAL B 170 12.69 8.94 -7.17
C VAL B 170 12.60 8.10 -5.90
N ASP B 171 11.60 8.35 -5.07
CA ASP B 171 11.38 7.56 -3.85
C ASP B 171 11.23 6.08 -4.18
N PHE B 172 10.40 5.77 -5.19
CA PHE B 172 10.22 4.39 -5.61
C PHE B 172 11.56 3.76 -6.02
N CYS B 173 12.36 4.50 -6.78
CA CYS B 173 13.61 3.94 -7.28
C CYS B 173 14.65 3.81 -6.17
N GLU B 174 14.67 4.77 -5.24
CA GLU B 174 15.56 4.68 -4.07
C GLU B 174 15.31 3.39 -3.28
N LYS B 175 14.04 3.10 -2.99
CA LYS B 175 13.71 1.88 -2.26
C LYS B 175 14.08 0.64 -3.04
N ARG B 176 13.73 0.60 -4.33
CA ARG B 176 13.94 -0.60 -5.15
C ARG B 176 15.41 -0.97 -5.25
N THR B 177 16.30 0.02 -5.23
CA THR B 177 17.73 -0.23 -5.35
C THR B 177 18.48 -0.10 -4.02
N ASP B 178 17.78 0.15 -2.91
CA ASP B 178 18.42 0.30 -1.59
C ASP B 178 19.48 1.40 -1.63
N PHE B 179 19.09 2.56 -2.15
CA PHE B 179 20.00 3.68 -2.35
C PHE B 179 19.33 4.94 -1.86
N LYS B 180 20.00 5.70 -1.00
CA LYS B 180 19.52 7.00 -0.59
C LYS B 180 20.25 8.07 -1.40
N TRP B 181 19.49 8.90 -2.11
CA TRP B 181 20.06 9.94 -2.97
C TRP B 181 19.93 11.28 -2.28
N ASN B 182 21.07 11.92 -2.03
CA ASN B 182 21.11 13.17 -1.29
C ASN B 182 21.09 14.40 -2.19
N GLU B 183 20.80 14.24 -3.47
CA GLU B 183 20.79 15.35 -4.43
C GLU B 183 22.09 16.14 -4.32
N ASP B 184 23.20 15.38 -4.30
CA ASP B 184 24.50 15.84 -3.83
C ASP B 184 25.55 15.71 -4.94
N ASN B 185 26.82 15.65 -4.55
CA ASN B 185 27.91 15.45 -5.50
C ASN B 185 28.13 13.98 -5.84
N SER B 186 27.61 13.06 -5.02
CA SER B 186 27.91 11.65 -5.22
C SER B 186 27.41 11.16 -6.58
N CYS B 187 27.95 10.01 -7.01
CA CYS B 187 27.56 9.41 -8.27
C CYS B 187 26.63 8.23 -8.01
N PRO B 188 25.37 8.31 -8.41
CA PRO B 188 24.40 7.27 -8.06
C PRO B 188 24.68 5.96 -8.78
N PRO B 189 24.19 4.83 -8.27
CA PRO B 189 24.39 3.55 -8.96
C PRO B 189 23.59 3.49 -10.26
N GLU B 190 24.12 2.72 -11.21
CA GLU B 190 23.49 2.61 -12.52
C GLU B 190 22.06 2.06 -12.44
N ALA B 191 21.81 1.12 -11.52
CA ALA B 191 20.45 0.58 -11.42
C ALA B 191 19.46 1.64 -10.96
N PHE B 192 19.88 2.54 -10.07
CA PHE B 192 18.99 3.63 -9.65
C PHE B 192 18.72 4.60 -10.79
N LEU B 193 19.79 5.02 -11.48
CA LEU B 193 19.61 5.93 -12.62
C LEU B 193 18.69 5.32 -13.67
N ASP B 194 18.89 4.04 -13.99
CA ASP B 194 18.05 3.39 -14.99
C ASP B 194 16.59 3.39 -14.56
N CYS B 195 16.32 3.11 -13.28
CA CYS B 195 14.95 3.12 -12.77
C CYS B 195 14.33 4.50 -12.92
N VAL B 196 15.06 5.56 -12.55
CA VAL B 196 14.51 6.90 -12.59
C VAL B 196 14.25 7.33 -14.03
N PHE B 197 15.24 7.15 -14.90
CA PHE B 197 15.13 7.61 -16.27
C PHE B 197 14.03 6.87 -17.02
N ARG B 198 13.84 5.57 -16.74
CA ARG B 198 12.75 4.84 -17.37
C ARG B 198 11.40 5.26 -16.80
N GLY B 199 11.34 5.61 -15.52
CA GLY B 199 10.10 6.15 -14.96
C GLY B 199 9.74 7.50 -15.57
N PHE B 200 10.75 8.36 -15.79
CA PHE B 200 10.55 9.64 -16.46
C PHE B 200 10.32 9.49 -17.96
N ARG B 201 10.51 8.28 -18.51
CA ARG B 201 10.54 8.04 -19.96
C ARG B 201 11.64 8.86 -20.66
N TRP B 202 12.70 9.22 -19.93
CA TRP B 202 13.91 9.71 -20.59
C TRP B 202 14.64 8.59 -21.31
N ILE B 203 14.54 7.38 -20.79
CA ILE B 203 14.99 6.17 -21.49
C ILE B 203 13.76 5.33 -21.77
N THR B 204 13.58 4.93 -23.02
CA THR B 204 12.36 4.25 -23.40
C THR B 204 12.40 2.80 -22.95
N GLU B 205 11.24 2.14 -23.07
CA GLU B 205 11.18 0.73 -22.70
C GLU B 205 12.18 -0.10 -23.50
N GLU B 206 12.46 0.31 -24.75
CA GLU B 206 13.43 -0.37 -25.61
C GLU B 206 14.87 0.04 -25.30
N GLY B 207 15.09 0.96 -24.37
CA GLY B 207 16.43 1.34 -23.98
C GLY B 207 17.01 2.51 -24.73
N GLU B 208 16.21 3.25 -25.50
CA GLU B 208 16.70 4.36 -26.28
C GLU B 208 16.52 5.69 -25.54
N VAL B 209 17.43 6.63 -25.81
CA VAL B 209 17.30 7.98 -25.25
C VAL B 209 16.15 8.71 -25.93
N ASN B 210 15.29 9.33 -25.13
CA ASN B 210 14.09 10.03 -25.61
C ASN B 210 14.33 11.53 -25.41
N VAL B 211 14.97 12.16 -26.41
CA VAL B 211 15.46 13.51 -26.20
C VAL B 211 14.33 14.52 -26.10
N ASN B 212 13.20 14.26 -26.78
CA ASN B 212 12.06 15.19 -26.69
C ASN B 212 11.53 15.26 -25.27
N GLU B 213 11.50 14.13 -24.56
CA GLU B 213 11.05 14.13 -23.16
C GLU B 213 12.04 14.87 -22.26
N ILE B 214 13.34 14.64 -22.46
CA ILE B 214 14.35 15.36 -21.67
C ILE B 214 14.24 16.86 -21.92
N ARG B 215 14.19 17.28 -23.19
CA ARG B 215 14.08 18.70 -23.49
C ARG B 215 12.81 19.29 -22.85
N ARG B 216 11.68 18.59 -22.97
CA ARG B 216 10.43 19.04 -22.36
C ARG B 216 10.58 19.29 -20.87
N ASP B 217 11.22 18.35 -20.15
CA ASP B 217 11.38 18.52 -18.71
C ASP B 217 12.39 19.62 -18.37
N TYR B 218 13.45 19.76 -19.18
CA TYR B 218 14.39 20.86 -18.96
C TYR B 218 13.67 22.20 -19.13
N GLU B 219 12.88 22.34 -20.21
CA GLU B 219 12.21 23.60 -20.46
C GLU B 219 11.18 23.93 -19.38
N ALA B 220 10.40 22.93 -18.94
CA ALA B 220 9.41 23.16 -17.90
C ALA B 220 10.05 23.58 -16.58
N ALA B 221 11.26 23.12 -16.30
CA ALA B 221 12.00 23.53 -15.11
C ALA B 221 12.67 24.89 -15.27
N GLY B 222 12.61 25.48 -16.45
CA GLY B 222 13.29 26.74 -16.70
C GLY B 222 14.77 26.61 -17.00
N LYS B 223 15.21 25.42 -17.43
CA LYS B 223 16.61 25.15 -17.71
C LYS B 223 16.86 24.84 -19.18
N GLY B 224 15.95 25.23 -20.06
CA GLY B 224 16.15 25.03 -21.48
C GLY B 224 17.03 26.10 -22.09
N ALA B 225 18.34 25.86 -22.13
CA ALA B 225 19.31 26.82 -22.64
C ALA B 225 19.93 26.32 -23.93
N ALA B 226 20.61 27.23 -24.64
CA ALA B 226 21.23 26.87 -25.91
C ALA B 226 22.41 25.91 -25.71
N ASP B 227 23.16 26.07 -24.60
CA ASP B 227 24.27 25.16 -24.32
C ASP B 227 23.81 23.83 -23.75
N MET B 228 22.56 23.44 -23.96
CA MET B 228 22.15 22.05 -23.80
C MET B 228 22.30 21.27 -25.10
N ALA B 229 22.31 21.97 -26.23
CA ALA B 229 22.67 21.42 -27.54
C ALA B 229 21.69 20.29 -27.87
N ASP B 230 22.16 19.10 -28.21
CA ASP B 230 21.29 18.00 -28.63
C ASP B 230 20.57 17.32 -27.48
N TYR B 231 20.72 17.83 -26.24
CA TYR B 231 20.16 17.19 -25.05
C TYR B 231 20.62 15.74 -24.92
N CYS B 232 21.85 15.46 -25.35
CA CYS B 232 22.52 14.17 -25.15
C CYS B 232 21.87 13.06 -25.97
N GLY B 233 21.21 13.42 -27.07
CA GLY B 233 20.73 12.40 -28.00
C GLY B 233 21.84 11.59 -28.62
N SER B 234 23.06 12.13 -28.64
CA SER B 234 24.20 11.41 -29.21
C SER B 234 24.50 10.13 -28.45
N VAL B 235 24.25 10.11 -27.14
CA VAL B 235 24.66 8.94 -26.35
C VAL B 235 23.87 7.71 -26.77
N LYS B 236 22.65 7.91 -27.28
CA LYS B 236 21.77 6.84 -27.76
C LYS B 236 21.57 5.74 -26.72
N GLY B 238 22.55 3.44 -22.51
CA GLY B 238 22.99 3.20 -21.16
C GLY B 238 22.64 4.34 -20.21
N ALA B 239 22.18 4.00 -19.00
CA ALA B 239 21.70 5.02 -18.08
C ALA B 239 22.86 5.84 -17.52
N ARG B 240 24.00 5.20 -17.25
CA ARG B 240 25.16 5.93 -16.76
C ARG B 240 25.64 6.94 -17.80
N GLN B 241 25.65 6.55 -19.08
CA GLN B 241 26.15 7.45 -20.13
C GLN B 241 25.26 8.67 -20.27
N LEU B 242 23.95 8.49 -20.22
CA LEU B 242 23.06 9.65 -20.31
C LEU B 242 23.24 10.57 -19.12
N TYR B 243 23.28 10.01 -17.91
CA TYR B 243 23.49 10.80 -16.71
C TYR B 243 24.80 11.58 -16.79
N ASN B 244 25.91 10.91 -17.14
CA ASN B 244 27.19 11.61 -17.25
C ASN B 244 27.14 12.70 -18.31
N CYS B 245 26.43 12.47 -19.42
CA CYS B 245 26.37 13.49 -20.45
C CYS B 245 25.58 14.71 -19.98
N LEU B 246 24.43 14.48 -19.32
CA LEU B 246 23.63 15.61 -18.84
C LEU B 246 24.33 16.36 -17.71
N ARG B 247 24.93 15.63 -16.76
CA ARG B 247 25.60 16.29 -15.65
C ARG B 247 26.77 17.15 -16.14
N ASP B 248 27.44 16.73 -17.22
CA ASP B 248 28.54 17.54 -17.77
C ASP B 248 28.06 18.85 -18.39
N LYS B 249 26.78 18.99 -18.67
CA LYS B 249 26.24 20.24 -19.17
C LYS B 249 25.72 21.14 -18.04
N GLY B 250 25.79 20.68 -16.80
CA GLY B 250 25.42 21.51 -15.66
C GLY B 250 24.82 20.67 -14.55
N ALA B 251 25.59 20.40 -13.49
CA ALA B 251 25.14 19.47 -12.46
C ALA B 251 23.95 20.04 -11.67
N ASP B 252 24.04 21.32 -11.28
CA ASP B 252 22.94 21.92 -10.53
C ASP B 252 21.65 21.95 -11.36
N SER B 253 21.75 22.26 -12.66
CA SER B 253 20.57 22.23 -13.51
C SER B 253 19.97 20.83 -13.58
N LEU B 254 20.81 19.80 -13.71
CA LEU B 254 20.28 18.44 -13.77
C LEU B 254 19.54 18.06 -12.49
N VAL B 255 20.09 18.42 -11.34
CA VAL B 255 19.37 18.13 -10.09
C VAL B 255 18.04 18.86 -10.07
N ALA B 256 18.04 20.13 -10.50
CA ALA B 256 16.81 20.91 -10.51
C ALA B 256 15.74 20.28 -11.40
N VAL B 257 16.13 19.83 -12.60
CA VAL B 257 15.17 19.25 -13.52
C VAL B 257 14.59 17.96 -12.95
N ILE B 258 15.45 17.08 -12.42
CA ILE B 258 14.99 15.82 -11.84
C ILE B 258 14.01 16.08 -10.72
N ARG B 259 14.30 17.06 -9.86
CA ARG B 259 13.41 17.39 -8.76
C ARG B 259 12.07 17.89 -9.28
N ASP B 260 12.11 18.77 -10.28
CA ASP B 260 10.88 19.34 -10.84
C ASP B 260 9.99 18.26 -11.46
N ARG B 261 10.59 17.39 -12.30
CA ARG B 261 9.81 16.29 -12.89
C ARG B 261 9.32 15.34 -11.82
N ASN B 262 10.18 15.04 -10.84
CA ASN B 262 9.84 14.08 -9.79
C ASN B 262 8.52 14.44 -9.12
N GLN B 263 8.32 15.73 -8.82
CA GLN B 263 7.09 16.14 -8.14
C GLN B 263 5.87 15.83 -8.98
N LYS B 264 6.00 15.96 -10.30
CA LYS B 264 4.90 15.66 -11.22
C LYS B 264 4.64 14.18 -11.41
N THR B 265 5.48 13.29 -10.87
CA THR B 265 5.22 11.87 -11.05
C THR B 265 4.34 11.28 -9.96
N ALA B 266 3.99 12.07 -8.93
CA ALA B 266 3.16 11.54 -7.85
C ALA B 266 1.74 11.25 -8.33
N PHE B 267 1.10 12.22 -8.98
CA PHE B 267 -0.31 12.13 -9.37
C PHE B 267 -0.43 12.41 -10.87
N TYR B 268 -0.67 11.36 -11.66
CA TYR B 268 -0.78 11.53 -13.11
C TYR B 268 -2.01 12.37 -13.48
N PHE B 269 -3.11 12.19 -12.76
CA PHE B 269 -4.17 13.19 -12.71
C PHE B 269 -4.80 13.14 -11.31
N ASP B 270 -5.68 14.10 -11.04
CA ASP B 270 -6.28 14.23 -9.72
C ASP B 270 -7.56 13.41 -9.68
N LEU B 271 -7.53 12.26 -8.99
CA LEU B 271 -8.69 11.38 -8.96
C LEU B 271 -9.90 12.01 -8.27
N SER B 272 -9.72 13.16 -7.63
CA SER B 272 -10.83 13.87 -7.02
C SER B 272 -11.24 15.11 -7.81
N SER B 273 -10.64 15.33 -8.98
CA SER B 273 -10.98 16.48 -9.80
C SER B 273 -12.43 16.41 -10.25
N LYS B 274 -13.08 17.57 -10.30
CA LYS B 274 -14.42 17.70 -10.83
C LYS B 274 -14.43 18.31 -12.24
N GLU B 275 -13.27 18.58 -12.83
CA GLU B 275 -13.19 18.95 -14.22
C GLU B 275 -13.25 17.72 -15.11
N GLU B 276 -13.76 17.91 -16.32
CA GLU B 276 -13.77 16.83 -17.29
C GLU B 276 -12.47 16.82 -18.08
N PRO B 277 -12.06 15.66 -18.62
CA PRO B 277 -12.74 14.35 -18.58
C PRO B 277 -12.48 13.57 -17.29
N TRP B 278 -11.76 14.17 -16.35
CA TRP B 278 -11.31 13.43 -15.17
C TRP B 278 -12.48 12.97 -14.30
N LYS B 279 -13.48 13.82 -14.11
CA LYS B 279 -14.62 13.43 -13.29
C LYS B 279 -15.37 12.26 -13.90
N SER B 280 -15.65 12.33 -15.20
CA SER B 280 -16.34 11.23 -15.85
C SER B 280 -15.52 9.95 -15.79
N ALA B 281 -14.19 10.07 -15.87
CA ALA B 281 -13.34 8.89 -15.87
C ALA B 281 -13.47 8.14 -14.55
N VAL B 282 -13.43 8.88 -13.45
CA VAL B 282 -13.48 8.27 -12.12
C VAL B 282 -14.87 7.74 -11.84
N ASP B 283 -15.91 8.50 -12.17
CA ASP B 283 -17.28 8.03 -11.97
C ASP B 283 -17.54 6.74 -12.73
N PHE B 284 -17.06 6.65 -13.97
CA PHE B 284 -17.26 5.43 -14.75
C PHE B 284 -16.51 4.25 -14.13
N ALA B 285 -15.24 4.46 -13.79
CA ALA B 285 -14.42 3.37 -13.27
C ALA B 285 -14.90 2.90 -11.90
N ASN B 286 -15.50 3.80 -11.12
CA ASN B 286 -15.88 3.49 -9.74
C ASN B 286 -17.17 2.70 -9.66
N ASN B 287 -18.05 2.82 -10.64
CA ASN B 287 -19.40 2.30 -10.52
C ASN B 287 -19.70 1.38 -11.69
N LEU B 288 -18.82 0.42 -11.93
CA LEU B 288 -19.08 -0.62 -12.91
C LEU B 288 -19.79 -1.81 -12.26
N GLU C 20 -10.88 24.06 0.06
CA GLU C 20 -12.12 23.32 -0.17
C GLU C 20 -12.10 22.03 0.65
N TRP C 21 -13.20 21.76 1.35
CA TRP C 21 -13.32 20.53 2.13
C TRP C 21 -13.25 19.31 1.21
N GLN C 22 -12.39 18.37 1.56
CA GLN C 22 -12.21 17.18 0.76
C GLN C 22 -12.86 16.00 1.45
N PRO C 23 -13.32 15.00 0.70
CA PRO C 23 -13.85 13.79 1.35
C PRO C 23 -12.87 13.27 2.39
N ARG C 24 -13.40 12.91 3.55
CA ARG C 24 -12.59 12.40 4.66
C ARG C 24 -11.90 11.09 4.27
N THR C 25 -10.59 11.02 4.50
CA THR C 25 -9.84 9.78 4.29
C THR C 25 -10.05 8.86 5.49
N PRO C 26 -9.68 7.58 5.36
CA PRO C 26 -9.71 6.70 6.55
C PRO C 26 -8.79 7.15 7.66
N GLU C 27 -7.72 7.90 7.35
CA GLU C 27 -6.91 8.49 8.42
C GLU C 27 -7.73 9.50 9.21
N GLN C 28 -8.50 10.34 8.52
CA GLN C 28 -9.28 11.36 9.22
C GLN C 28 -10.46 10.75 9.97
N THR C 29 -11.14 9.75 9.40
CA THR C 29 -12.24 9.15 10.16
C THR C 29 -11.72 8.38 11.37
N LEU C 30 -10.65 7.59 11.20
CA LEU C 30 -10.12 6.86 12.36
C LEU C 30 -9.66 7.81 13.47
N TYR C 31 -9.03 8.92 13.10
CA TYR C 31 -8.58 9.90 14.09
C TYR C 31 -9.76 10.40 14.90
N ALA C 32 -10.82 10.83 14.21
CA ALA C 32 -12.00 11.36 14.89
C ALA C 32 -12.65 10.30 15.76
N TYR C 33 -12.79 9.07 15.23
CA TYR C 33 -13.49 8.03 16.00
C TYR C 33 -12.75 7.71 17.30
N VAL C 34 -11.41 7.57 17.22
CA VAL C 34 -10.62 7.18 18.38
C VAL C 34 -10.51 8.34 19.38
N ARG C 35 -10.18 9.54 18.90
CA ARG C 35 -10.00 10.65 19.81
C ARG C 35 -11.29 11.00 20.53
N CYS C 36 -12.42 10.95 19.82
CA CYS C 36 -13.68 11.23 20.46
C CYS C 36 -14.06 10.13 21.47
N LEU C 37 -13.67 8.88 21.20
CA LEU C 37 -13.93 7.80 22.16
C LEU C 37 -13.14 8.02 23.44
N ASN C 38 -11.83 8.26 23.31
CA ASN C 38 -10.98 8.42 24.49
C ASN C 38 -11.29 9.71 25.25
N ASP C 39 -11.85 10.72 24.59
CA ASP C 39 -12.32 11.92 25.27
C ASP C 39 -13.61 11.69 26.06
N SER C 40 -14.28 10.56 25.86
CA SER C 40 -15.57 10.31 26.51
C SER C 40 -15.39 9.52 27.79
N SER C 41 -16.15 9.90 28.82
CA SER C 41 -16.18 9.13 30.06
C SER C 41 -17.32 8.11 30.09
N ALA C 42 -18.05 7.94 28.99
CA ALA C 42 -19.13 6.98 28.92
C ALA C 42 -18.63 5.56 29.21
N SER C 43 -19.57 4.69 29.58
CA SER C 43 -19.25 3.32 29.95
C SER C 43 -18.77 2.54 28.74
N ILE C 44 -18.11 1.41 29.01
CA ILE C 44 -17.67 0.56 27.91
C ILE C 44 -18.86 0.02 27.14
N GLU C 45 -19.95 -0.32 27.84
CA GLU C 45 -21.13 -0.83 27.15
C GLU C 45 -21.67 0.18 26.14
N GLN C 46 -21.68 1.46 26.53
CA GLN C 46 -22.10 2.49 25.58
C GLN C 46 -21.13 2.58 24.42
N LYS C 47 -19.83 2.63 24.71
CA LYS C 47 -18.84 2.75 23.64
C LYS C 47 -18.89 1.55 22.68
N ILE C 48 -19.25 0.37 23.17
CA ILE C 48 -19.35 -0.79 22.29
C ILE C 48 -20.48 -0.59 21.28
N ASN C 49 -21.61 -0.04 21.74
CA ASN C 49 -22.69 0.27 20.80
C ASN C 49 -22.24 1.29 19.76
N TRP C 50 -21.41 2.26 20.17
CA TRP C 50 -20.99 3.28 19.22
C TRP C 50 -20.14 2.69 18.10
N VAL C 51 -19.21 1.78 18.43
CA VAL C 51 -18.35 1.21 17.39
C VAL C 51 -19.11 0.24 16.50
N LYS C 52 -20.32 -0.15 16.88
CA LYS C 52 -21.24 -0.88 16.01
C LYS C 52 -22.22 0.06 15.30
N TRP C 53 -21.91 1.35 15.28
CA TRP C 53 -22.70 2.36 14.57
C TRP C 53 -24.13 2.46 15.10
N HIS C 54 -24.29 2.24 16.42
CA HIS C 54 -25.58 2.29 17.11
C HIS C 54 -25.53 3.24 18.30
N PRO C 55 -25.39 4.54 18.08
CA PRO C 55 -25.55 5.49 19.19
C PRO C 55 -26.98 5.50 19.68
N ASP C 56 -27.16 5.60 21.00
CA ASP C 56 -28.49 5.75 21.55
C ASP C 56 -28.73 7.23 21.85
N THR C 57 -29.76 7.54 22.64
CA THR C 57 -30.13 8.93 22.86
C THR C 57 -29.61 9.50 24.17
N THR C 58 -28.75 8.77 24.89
CA THR C 58 -28.20 9.32 26.12
C THR C 58 -27.28 10.51 25.82
N TYR C 59 -27.09 11.35 26.83
CA TYR C 59 -26.25 12.54 26.66
C TYR C 59 -24.85 12.17 26.17
N GLU C 60 -24.27 11.11 26.72
CA GLU C 60 -22.91 10.75 26.30
C GLU C 60 -22.88 10.36 24.82
N SER C 61 -23.92 9.69 24.33
CA SER C 61 -23.97 9.33 22.92
C SER C 61 -24.21 10.56 22.05
N GLN C 62 -25.10 11.44 22.48
CA GLN C 62 -25.32 12.68 21.76
C GLN C 62 -24.02 13.45 21.63
N CYS C 63 -23.25 13.54 22.72
CA CYS C 63 -21.98 14.25 22.70
C CYS C 63 -20.97 13.58 21.76
N TYR C 64 -20.95 12.23 21.72
CA TYR C 64 -20.03 11.55 20.83
C TYR C 64 -20.34 11.86 19.37
N VAL C 65 -21.62 11.81 19.00
CA VAL C 65 -21.99 12.15 17.62
C VAL C 65 -21.57 13.57 17.28
N LYS C 66 -21.81 14.51 18.20
CA LYS C 66 -21.40 15.90 17.96
C LYS C 66 -19.89 16.01 17.81
N CYS C 67 -19.14 15.33 18.69
CA CYS C 67 -17.68 15.37 18.65
C CYS C 67 -17.15 14.85 17.32
N VAL C 68 -17.66 13.70 16.86
CA VAL C 68 -17.20 13.14 15.59
C VAL C 68 -17.58 14.06 14.44
N SER C 69 -18.81 14.60 14.47
CA SER C 69 -19.29 15.49 13.41
C SER C 69 -18.44 16.76 13.32
N GLU C 70 -18.07 17.35 14.46
CA GLU C 70 -17.22 18.54 14.42
C GLU C 70 -15.82 18.22 13.97
N GLU C 71 -15.28 17.08 14.41
CA GLU C 71 -13.91 16.77 14.05
C GLU C 71 -13.77 16.50 12.56
N LEU C 72 -14.80 15.91 11.95
CA LEU C 72 -14.81 15.67 10.51
C LEU C 72 -15.25 16.90 9.71
N ARG C 73 -15.51 18.02 10.39
CA ARG C 73 -15.98 19.24 9.73
C ARG C 73 -17.29 19.01 8.97
N LEU C 74 -18.12 18.08 9.47
CA LEU C 74 -19.47 17.91 8.94
C LEU C 74 -20.46 18.83 9.64
N TYR C 75 -20.22 19.17 10.90
CA TYR C 75 -21.00 20.15 11.63
C TYR C 75 -20.11 21.37 11.89
N ASP C 76 -20.63 22.56 11.61
CA ASP C 76 -19.87 23.81 11.79
C ASP C 76 -20.37 24.56 13.02
N PRO C 77 -19.64 24.54 14.13
CA PRO C 77 -20.15 25.22 15.34
C PRO C 77 -20.16 26.73 15.23
N LYS C 78 -19.45 27.33 14.26
CA LYS C 78 -19.46 28.78 14.11
C LYS C 78 -20.71 29.27 13.41
N GLU C 79 -21.19 28.55 12.40
CA GLU C 79 -22.46 28.86 11.76
C GLU C 79 -23.63 28.08 12.34
N LYS C 80 -23.36 27.11 13.22
CA LYS C 80 -24.38 26.31 13.88
C LYS C 80 -25.24 25.54 12.87
N ARG C 81 -24.57 24.80 11.97
CA ARG C 81 -25.30 24.06 10.96
C ARG C 81 -24.48 22.87 10.50
N PHE C 82 -25.17 21.78 10.20
CA PHE C 82 -24.57 20.72 9.40
C PHE C 82 -24.34 21.23 7.98
N ARG C 83 -23.39 20.60 7.30
CA ARG C 83 -23.07 20.91 5.90
C ARG C 83 -23.51 19.73 5.05
N PRO C 84 -24.78 19.68 4.64
CA PRO C 84 -25.27 18.50 3.92
C PRO C 84 -24.48 18.18 2.65
N GLU C 85 -23.96 19.21 1.96
CA GLU C 85 -23.24 19.01 0.71
C GLU C 85 -21.95 18.22 0.92
N ARG C 86 -21.40 18.21 2.13
CA ARG C 86 -20.19 17.44 2.41
C ARG C 86 -20.50 15.96 2.58
N PHE C 87 -21.69 15.60 3.09
CA PHE C 87 -22.13 14.20 3.05
C PHE C 87 -22.31 13.71 1.61
N VAL C 88 -22.87 14.56 0.73
CA VAL C 88 -23.03 14.17 -0.66
C VAL C 88 -21.67 13.94 -1.31
N LEU C 89 -20.72 14.84 -1.05
CA LEU C 89 -19.38 14.70 -1.61
C LEU C 89 -18.72 13.41 -1.12
N GLN C 90 -18.90 13.10 0.17
CA GLN C 90 -18.36 11.87 0.72
C GLN C 90 -18.96 10.65 0.05
N ALA C 91 -20.29 10.66 -0.18
CA ALA C 91 -20.94 9.52 -0.80
C ALA C 91 -20.49 9.33 -2.25
N GLU C 92 -20.41 10.43 -3.01
CA GLU C 92 -19.92 10.33 -4.39
C GLU C 92 -18.53 9.72 -4.45
N SER C 93 -17.71 9.98 -3.44
CA SER C 93 -16.33 9.50 -3.49
C SER C 93 -16.22 8.04 -3.08
N PHE C 94 -16.95 7.63 -2.04
CA PHE C 94 -16.67 6.36 -1.37
C PHE C 94 -17.84 5.38 -1.25
N PHE C 95 -18.99 5.65 -1.88
CA PHE C 95 -20.09 4.69 -1.83
C PHE C 95 -20.46 4.28 -3.26
N HIS C 96 -20.15 3.02 -3.61
CA HIS C 96 -20.37 2.51 -4.95
C HIS C 96 -21.21 1.23 -4.93
N ALA C 97 -21.85 0.91 -3.82
CA ALA C 97 -22.50 -0.38 -3.64
C ALA C 97 -23.96 -0.42 -4.09
N ASP C 98 -24.60 0.74 -4.25
CA ASP C 98 -26.03 0.74 -4.53
C ASP C 98 -26.43 2.09 -5.10
N PRO C 99 -26.57 2.20 -6.43
CA PRO C 99 -26.97 3.49 -7.03
C PRO C 99 -28.22 4.08 -6.43
N GLU C 100 -29.20 3.23 -6.08
CA GLU C 100 -30.46 3.74 -5.56
C GLU C 100 -30.28 4.37 -4.19
N GLN C 101 -29.44 3.77 -3.34
CA GLN C 101 -29.20 4.35 -2.02
C GLN C 101 -28.31 5.57 -2.10
N LEU C 102 -27.38 5.59 -3.06
CA LEU C 102 -26.59 6.80 -3.31
C LEU C 102 -27.51 7.97 -3.66
N GLN C 103 -28.43 7.76 -4.62
CA GLN C 103 -29.32 8.82 -5.05
C GLN C 103 -30.25 9.26 -3.94
N ALA C 104 -30.74 8.31 -3.15
CA ALA C 104 -31.59 8.63 -2.00
C ALA C 104 -30.86 9.52 -1.01
N LEU C 105 -29.59 9.21 -0.73
CA LEU C 105 -28.84 10.06 0.19
C LEU C 105 -28.68 11.45 -0.39
N LYS C 106 -28.32 11.54 -1.68
CA LYS C 106 -28.16 12.83 -2.36
C LYS C 106 -29.43 13.67 -2.29
N ASN C 107 -30.60 13.04 -2.39
CA ASN C 107 -31.84 13.82 -2.34
C ASN C 107 -32.22 14.21 -0.91
N ASN C 108 -31.87 13.39 0.08
CA ASN C 108 -32.32 13.63 1.45
C ASN C 108 -31.38 14.51 2.26
N ALA C 109 -30.11 14.63 1.86
CA ALA C 109 -29.13 15.31 2.70
C ALA C 109 -29.58 16.73 3.03
N GLU C 110 -29.87 17.54 2.00
CA GLU C 110 -30.18 18.93 2.28
C GLU C 110 -31.52 19.11 3.00
N PRO C 111 -32.62 18.47 2.56
CA PRO C 111 -33.87 18.66 3.31
C PRO C 111 -33.80 18.20 4.75
N MET C 112 -33.07 17.11 5.04
CA MET C 112 -33.03 16.60 6.40
C MET C 112 -32.03 17.34 7.28
N LEU C 113 -30.93 17.84 6.72
CA LEU C 113 -29.85 18.35 7.55
C LEU C 113 -29.72 19.86 7.57
N ALA C 114 -30.29 20.58 6.61
CA ALA C 114 -30.04 22.01 6.54
C ALA C 114 -30.82 22.75 7.62
N GLY C 115 -30.27 23.88 8.06
CA GLY C 115 -30.96 24.71 9.03
C GLY C 115 -30.04 25.10 10.18
N VAL C 116 -30.15 26.35 10.63
CA VAL C 116 -29.28 26.84 11.70
C VAL C 116 -29.89 26.44 13.05
N LEU C 117 -29.05 25.90 13.93
CA LEU C 117 -29.53 25.43 15.23
C LEU C 117 -29.52 26.58 16.23
N ALA C 118 -30.36 26.43 17.27
CA ALA C 118 -30.45 27.46 18.31
C ALA C 118 -29.18 27.53 19.16
N ASP C 119 -28.49 26.40 19.35
CA ASP C 119 -27.26 26.36 20.12
C ASP C 119 -26.45 25.15 19.66
N ASN C 120 -25.22 25.04 20.17
CA ASN C 120 -24.33 23.94 19.81
C ASN C 120 -24.35 22.80 20.82
N SER C 121 -25.40 22.68 21.63
CA SER C 121 -25.46 21.62 22.62
C SER C 121 -25.43 20.25 21.96
N CYS C 122 -24.99 19.25 22.74
CA CYS C 122 -24.99 17.86 22.25
C CYS C 122 -26.38 17.44 21.80
N GLU C 123 -27.41 17.82 22.56
CA GLU C 123 -28.79 17.45 22.22
C GLU C 123 -29.24 18.10 20.92
N SER C 124 -28.86 19.37 20.70
CA SER C 124 -29.31 20.06 19.48
C SER C 124 -28.68 19.46 18.24
N VAL C 125 -27.38 19.15 18.28
CA VAL C 125 -26.70 18.62 17.11
C VAL C 125 -27.19 17.21 16.80
N PHE C 126 -27.29 16.36 17.83
CA PHE C 126 -27.74 14.99 17.63
C PHE C 126 -29.17 14.93 17.10
N ASN C 127 -30.06 15.75 17.68
CA ASN C 127 -31.45 15.72 17.22
C ASN C 127 -31.58 16.17 15.77
N LYS C 128 -30.76 17.13 15.35
CA LYS C 128 -30.80 17.57 13.96
C LYS C 128 -30.32 16.47 13.02
N TYR C 129 -29.34 15.69 13.47
CA TYR C 129 -28.74 14.62 12.67
C TYR C 129 -29.58 13.34 12.68
N ALA C 130 -30.51 13.20 13.63
CA ALA C 130 -31.01 11.88 14.00
C ALA C 130 -31.86 11.25 12.90
N THR C 131 -32.64 12.05 12.17
CA THR C 131 -33.52 11.50 11.15
C THR C 131 -32.73 11.09 9.91
N PHE C 132 -31.78 11.92 9.49
CA PHE C 132 -30.88 11.54 8.40
C PHE C 132 -30.11 10.27 8.75
N TYR C 133 -29.62 10.17 9.98
CA TYR C 133 -28.83 9.00 10.36
C TYR C 133 -29.72 7.75 10.42
N ALA C 134 -30.89 7.85 11.04
CA ALA C 134 -31.78 6.69 11.12
C ALA C 134 -32.14 6.18 9.73
N THR C 135 -32.20 7.09 8.76
CA THR C 135 -32.61 6.76 7.40
C THR C 135 -31.48 6.19 6.55
N HIS C 136 -30.26 6.72 6.68
CA HIS C 136 -29.17 6.38 5.78
C HIS C 136 -27.97 5.75 6.49
N HIS C 137 -28.17 5.21 7.71
CA HIS C 137 -27.04 4.77 8.53
C HIS C 137 -26.14 3.77 7.80
N SER C 138 -26.70 2.86 7.01
CA SER C 138 -25.83 1.86 6.38
C SER C 138 -24.97 2.48 5.29
N THR C 139 -25.48 3.49 4.58
CA THR C 139 -24.68 4.18 3.57
C THR C 139 -23.64 5.09 4.23
N ILE C 140 -24.02 5.76 5.32
CA ILE C 140 -23.10 6.62 6.05
C ILE C 140 -21.92 5.81 6.56
N LEU C 141 -22.22 4.68 7.19
CA LEU C 141 -21.19 3.75 7.66
C LEU C 141 -20.19 3.46 6.55
N ARG C 142 -20.70 3.09 5.38
CA ARG C 142 -19.81 2.64 4.31
C ARG C 142 -18.98 3.79 3.76
N MET C 143 -19.60 4.97 3.53
CA MET C 143 -18.84 6.05 2.91
C MET C 143 -17.85 6.67 3.87
N PHE C 144 -18.03 6.52 5.19
CA PHE C 144 -17.04 6.98 6.16
C PHE C 144 -16.16 5.85 6.67
N HIS C 145 -15.90 4.83 5.82
CA HIS C 145 -14.84 3.85 6.03
C HIS C 145 -15.13 2.88 7.18
N GLY C 146 -16.40 2.60 7.43
CA GLY C 146 -16.74 1.70 8.49
C GLY C 146 -16.80 0.23 8.11
N ASP C 147 -16.71 -0.10 6.83
CA ASP C 147 -16.87 -1.46 6.32
C ASP C 147 -15.54 -1.90 5.70
N TYR C 148 -14.87 -2.85 6.36
CA TYR C 148 -13.53 -3.22 5.91
C TYR C 148 -13.54 -4.03 4.61
N ARG C 149 -14.70 -4.41 4.07
CA ARG C 149 -14.69 -5.00 2.74
C ARG C 149 -14.12 -4.06 1.69
N ASP C 150 -14.15 -2.75 1.96
CA ASP C 150 -13.69 -1.73 1.03
C ASP C 150 -12.27 -1.28 1.31
N ILE C 151 -11.63 -1.79 2.36
CA ILE C 151 -10.47 -1.05 2.86
C ILE C 151 -9.33 -1.08 1.85
N GLY C 152 -9.20 -2.18 1.11
CA GLY C 152 -8.12 -2.28 0.14
C GLY C 152 -8.29 -1.32 -1.02
N ASN C 153 -9.50 -1.24 -1.58
CA ASN C 153 -9.72 -0.32 -2.69
C ASN C 153 -9.52 1.12 -2.26
N THR C 154 -9.97 1.47 -1.04
CA THR C 154 -9.85 2.85 -0.58
C THR C 154 -8.39 3.25 -0.41
N TYR C 155 -7.59 2.43 0.27
CA TYR C 155 -6.20 2.82 0.48
C TYR C 155 -5.37 2.74 -0.81
N ALA C 156 -5.79 1.91 -1.77
CA ALA C 156 -5.06 1.88 -3.05
C ALA C 156 -5.36 3.11 -3.90
N LYS C 157 -6.63 3.51 -3.98
CA LYS C 157 -6.98 4.67 -4.80
C LYS C 157 -6.40 5.95 -4.21
N LEU C 158 -6.32 6.06 -2.89
CA LEU C 158 -5.64 7.21 -2.29
C LEU C 158 -4.12 7.05 -2.30
N GLY C 159 -3.63 5.81 -2.13
CA GLY C 159 -2.20 5.55 -2.29
C GLY C 159 -1.35 6.27 -1.25
N ASN C 160 -0.19 6.76 -1.69
CA ASN C 160 0.69 7.53 -0.83
C ASN C 160 0.20 8.96 -0.62
N GLY C 161 -0.96 9.31 -1.17
CA GLY C 161 -1.61 10.56 -0.81
C GLY C 161 -2.27 10.58 0.57
N VAL C 162 -2.35 9.45 1.26
CA VAL C 162 -2.90 9.37 2.60
C VAL C 162 -1.93 8.60 3.49
N LYS C 163 -1.80 9.03 4.76
CA LYS C 163 -1.01 8.25 5.70
C LYS C 163 -1.65 6.88 5.90
N GLN C 164 -0.85 5.83 5.75
CA GLN C 164 -1.36 4.48 5.85
C GLN C 164 -1.40 4.04 7.32
N ILE C 165 -2.22 3.03 7.59
CA ILE C 165 -2.21 2.38 8.90
C ILE C 165 -0.79 1.91 9.16
N GLY C 166 -0.28 2.22 10.36
CA GLY C 166 1.08 1.83 10.73
C GLY C 166 2.17 2.76 10.25
N GLN C 167 1.86 3.70 9.38
CA GLN C 167 2.83 4.70 8.92
C GLN C 167 2.83 5.90 9.86
N MET C 168 4.03 6.44 10.13
CA MET C 168 4.14 7.62 10.98
C MET C 168 3.98 8.89 10.12
N PHE C 169 3.56 9.98 10.78
CA PHE C 169 3.26 11.19 10.01
C PHE C 169 4.52 11.86 9.48
N VAL C 170 5.63 11.84 10.23
CA VAL C 170 6.83 12.49 9.68
C VAL C 170 7.28 11.79 8.40
N ASP C 171 7.27 10.46 8.37
CA ASP C 171 7.61 9.72 7.14
C ASP C 171 6.70 10.11 5.99
N PHE C 172 5.39 10.08 6.23
CA PHE C 172 4.43 10.48 5.20
C PHE C 172 4.74 11.87 4.66
N CYS C 173 5.05 12.79 5.56
CA CYS C 173 5.27 14.18 5.17
C CYS C 173 6.60 14.37 4.46
N GLU C 174 7.64 13.62 4.86
CA GLU C 174 8.91 13.64 4.12
C GLU C 174 8.71 13.23 2.66
N LYS C 175 7.98 12.14 2.45
CA LYS C 175 7.77 11.65 1.08
C LYS C 175 6.92 12.64 0.29
N ARG C 176 5.84 13.14 0.90
CA ARG C 176 4.94 14.03 0.19
C ARG C 176 5.65 15.31 -0.27
N THR C 177 6.61 15.80 0.50
CA THR C 177 7.31 17.02 0.14
C THR C 177 8.71 16.79 -0.42
N ASP C 178 9.12 15.53 -0.58
CA ASP C 178 10.44 15.18 -1.10
C ASP C 178 11.53 15.85 -0.26
N PHE C 179 11.42 15.71 1.05
CA PHE C 179 12.33 16.32 1.98
C PHE C 179 12.80 15.26 2.97
N LYS C 180 14.11 15.18 3.17
CA LYS C 180 14.66 14.27 4.18
C LYS C 180 15.01 15.09 5.42
N TRP C 181 14.37 14.78 6.54
CA TRP C 181 14.57 15.54 7.78
C TRP C 181 15.55 14.81 8.68
N ASN C 182 16.65 15.47 9.02
CA ASN C 182 17.72 14.84 9.79
C ASN C 182 17.64 15.16 11.28
N GLU C 183 16.52 15.74 11.74
CA GLU C 183 16.28 16.01 13.16
C GLU C 183 17.48 16.72 13.81
N ASP C 184 18.02 17.71 13.08
CA ASP C 184 19.20 18.46 13.54
C ASP C 184 18.96 19.96 13.43
N ASN C 185 19.98 20.71 12.99
CA ASN C 185 19.92 22.17 12.93
C ASN C 185 19.15 22.69 11.73
N SER C 186 18.86 21.84 10.74
CA SER C 186 18.31 22.31 9.48
C SER C 186 17.01 23.10 9.69
N CYS C 187 16.74 24.02 8.76
CA CYS C 187 15.47 24.74 8.72
C CYS C 187 14.55 24.10 7.68
N PRO C 188 13.58 23.30 8.10
CA PRO C 188 12.81 22.48 7.15
C PRO C 188 11.93 23.35 6.26
N PRO C 189 11.57 22.86 5.07
CA PRO C 189 10.67 23.62 4.20
C PRO C 189 9.30 23.80 4.83
N GLU C 190 8.62 24.89 4.46
CA GLU C 190 7.33 25.19 5.07
C GLU C 190 6.28 24.14 4.72
N ALA C 191 6.27 23.64 3.48
CA ALA C 191 5.29 22.60 3.13
C ALA C 191 5.44 21.37 4.01
N PHE C 192 6.68 21.02 4.39
CA PHE C 192 6.87 19.88 5.28
C PHE C 192 6.35 20.18 6.69
N LEU C 193 6.68 21.36 7.22
CA LEU C 193 6.19 21.76 8.54
C LEU C 193 4.66 21.77 8.58
N ASP C 194 4.03 22.31 7.54
CA ASP C 194 2.58 22.39 7.51
C ASP C 194 1.96 21.00 7.50
N CYS C 195 2.51 20.09 6.70
CA CYS C 195 2.02 18.71 6.65
C CYS C 195 2.12 18.03 8.02
N VAL C 196 3.26 18.19 8.70
CA VAL C 196 3.45 17.54 10.00
C VAL C 196 2.52 18.16 11.03
N PHE C 197 2.54 19.50 11.15
CA PHE C 197 1.72 20.14 12.18
C PHE C 197 0.24 19.84 11.96
N ARG C 198 -0.20 19.79 10.71
CA ARG C 198 -1.60 19.48 10.44
C ARG C 198 -1.93 18.03 10.76
N GLY C 199 -0.97 17.13 10.52
CA GLY C 199 -1.19 15.74 10.90
C GLY C 199 -1.22 15.55 12.40
N PHE C 200 -0.40 16.31 13.14
CA PHE C 200 -0.45 16.32 14.60
C PHE C 200 -1.66 17.09 15.13
N ARG C 201 -2.39 17.79 14.26
CA ARG C 201 -3.44 18.74 14.66
C ARG C 201 -2.91 19.84 15.58
N TRP C 202 -1.61 20.15 15.51
CA TRP C 202 -1.11 21.41 16.08
C TRP C 202 -1.61 22.62 15.28
N ILE C 203 -1.79 22.45 13.97
CA ILE C 203 -2.45 23.41 13.13
C ILE C 203 -3.76 22.78 12.69
N THR C 204 -4.87 23.48 12.92
CA THR C 204 -6.19 22.91 12.61
C THR C 204 -6.44 22.95 11.11
N GLU C 205 -7.51 22.26 10.68
CA GLU C 205 -7.86 22.28 9.27
C GLU C 205 -8.12 23.71 8.79
N GLU C 206 -8.59 24.59 9.67
CA GLU C 206 -8.83 25.98 9.32
C GLU C 206 -7.56 26.84 9.35
N GLY C 207 -6.42 26.28 9.76
CA GLY C 207 -5.17 27.01 9.78
C GLY C 207 -4.83 27.71 11.07
N GLU C 208 -5.50 27.41 12.17
CA GLU C 208 -5.27 28.07 13.45
C GLU C 208 -4.39 27.21 14.35
N VAL C 209 -3.68 27.87 15.27
CA VAL C 209 -2.80 27.18 16.19
C VAL C 209 -3.65 26.53 17.28
N ASN C 210 -3.41 25.24 17.53
CA ASN C 210 -4.20 24.47 18.51
C ASN C 210 -3.34 24.30 19.77
N VAL C 211 -3.39 25.30 20.65
CA VAL C 211 -2.47 25.34 21.78
C VAL C 211 -2.68 24.16 22.73
N ASN C 212 -3.93 23.74 22.95
CA ASN C 212 -4.18 22.61 23.84
C ASN C 212 -3.47 21.34 23.34
N GLU C 213 -3.46 21.14 22.03
CA GLU C 213 -2.83 19.93 21.48
C GLU C 213 -1.31 20.00 21.61
N ILE C 214 -0.71 21.17 21.36
CA ILE C 214 0.73 21.34 21.56
C ILE C 214 1.11 21.10 23.01
N ARG C 215 0.38 21.71 23.94
CA ARG C 215 0.73 21.54 25.36
C ARG C 215 0.61 20.08 25.78
N ARG C 216 -0.44 19.39 25.31
CA ARG C 216 -0.63 17.99 25.66
C ARG C 216 0.56 17.13 25.22
N ASP C 217 1.07 17.37 24.01
CA ASP C 217 2.20 16.59 23.53
C ASP C 217 3.51 16.98 24.23
N TYR C 218 3.70 18.26 24.55
CA TYR C 218 4.87 18.64 25.34
C TYR C 218 4.83 17.95 26.69
N GLU C 219 3.69 17.98 27.37
CA GLU C 219 3.57 17.34 28.67
C GLU C 219 3.77 15.83 28.57
N ALA C 220 3.19 15.19 27.56
CA ALA C 220 3.34 13.74 27.42
C ALA C 220 4.79 13.32 27.19
N ALA C 221 5.62 14.20 26.63
CA ALA C 221 7.03 13.92 26.45
C ALA C 221 7.89 14.37 27.62
N GLY C 222 7.29 14.87 28.70
CA GLY C 222 8.07 15.34 29.82
C GLY C 222 8.77 16.66 29.59
N LYS C 223 8.34 17.42 28.59
CA LYS C 223 8.95 18.71 28.26
C LYS C 223 8.07 19.87 28.64
N GLY C 224 6.99 19.63 29.38
CA GLY C 224 6.20 20.72 29.91
C GLY C 224 7.03 21.50 30.93
N ALA C 225 6.93 22.82 30.86
CA ALA C 225 7.68 23.68 31.76
C ALA C 225 7.07 25.07 31.73
N ALA C 226 7.35 25.84 32.78
CA ALA C 226 6.78 27.18 32.87
C ALA C 226 7.33 28.09 31.79
N ASP C 227 8.56 27.84 31.32
CA ASP C 227 9.13 28.70 30.29
C ASP C 227 8.39 28.58 28.97
N MET C 228 7.72 27.45 28.72
CA MET C 228 6.96 27.30 27.49
C MET C 228 5.82 28.30 27.38
N ALA C 229 5.43 28.91 28.50
CA ALA C 229 4.55 30.09 28.53
C ALA C 229 3.23 29.74 27.88
N ASP C 230 2.81 30.44 26.83
CA ASP C 230 1.52 30.22 26.18
C ASP C 230 1.56 29.14 25.09
N TYR C 231 2.69 28.43 24.95
CA TYR C 231 2.86 27.41 23.90
C TYR C 231 2.59 27.98 22.51
N CYS C 232 2.98 29.25 22.31
CA CYS C 232 2.98 29.92 21.01
C CYS C 232 1.59 30.15 20.45
N GLY C 233 0.57 30.22 21.31
CA GLY C 233 -0.77 30.54 20.83
C GLY C 233 -0.89 31.93 20.23
N SER C 234 0.09 32.80 20.51
CA SER C 234 0.04 34.17 20.04
C SER C 234 0.32 34.31 18.55
N VAL C 235 0.95 33.31 17.92
CA VAL C 235 1.52 33.52 16.59
C VAL C 235 0.43 33.56 15.53
N LYS C 236 0.79 34.09 14.36
CA LYS C 236 -0.07 34.13 13.19
C LYS C 236 -0.08 32.79 12.45
N GLY C 238 0.42 30.25 10.02
CA GLY C 238 1.63 29.90 9.29
C GLY C 238 2.48 28.87 10.01
N ALA C 239 2.77 27.74 9.33
CA ALA C 239 3.53 26.67 9.96
C ALA C 239 4.93 27.13 10.31
N ARG C 240 5.53 27.97 9.46
CA ARG C 240 6.86 28.51 9.74
C ARG C 240 6.86 29.36 11.01
N GLN C 241 5.82 30.19 11.18
CA GLN C 241 5.75 31.04 12.37
C GLN C 241 5.64 30.21 13.64
N LEU C 242 4.81 29.16 13.63
CA LEU C 242 4.68 28.29 14.80
C LEU C 242 5.98 27.55 15.09
N TYR C 243 6.61 27.01 14.04
CA TYR C 243 7.87 26.30 14.22
C TYR C 243 8.94 27.22 14.80
N ASN C 244 9.09 28.43 14.22
CA ASN C 244 10.11 29.34 14.72
C ASN C 244 9.87 29.72 16.18
N CYS C 245 8.60 29.86 16.57
CA CYS C 245 8.30 30.24 17.96
C CYS C 245 8.62 29.10 18.92
N LEU C 246 8.22 27.86 18.56
CA LEU C 246 8.51 26.72 19.43
C LEU C 246 10.00 26.44 19.51
N ARG C 247 10.69 26.48 18.37
CA ARG C 247 12.13 26.24 18.40
C ARG C 247 12.84 27.27 19.28
N ASP C 248 12.35 28.52 19.31
CA ASP C 248 12.98 29.54 20.14
C ASP C 248 12.78 29.30 21.64
N LYS C 249 11.84 28.44 22.02
CA LYS C 249 11.68 28.06 23.42
C LYS C 249 12.54 26.87 23.80
N GLY C 250 13.20 26.23 22.83
CA GLY C 250 14.10 25.13 23.08
C GLY C 250 14.13 24.17 21.90
N ALA C 251 15.20 24.20 21.11
CA ALA C 251 15.24 23.42 19.89
C ALA C 251 15.25 21.92 20.19
N ASP C 252 16.10 21.49 21.12
CA ASP C 252 16.19 20.08 21.45
C ASP C 252 14.87 19.55 21.99
N SER C 253 14.21 20.35 22.85
CA SER C 253 12.91 19.95 23.36
C SER C 253 11.89 19.79 22.24
N LEU C 254 11.89 20.69 21.26
CA LEU C 254 10.95 20.58 20.15
C LEU C 254 11.16 19.30 19.36
N VAL C 255 12.43 18.93 19.09
CA VAL C 255 12.69 17.69 18.36
C VAL C 255 12.19 16.49 19.14
N ALA C 256 12.36 16.51 20.47
CA ALA C 256 11.96 15.37 21.29
C ALA C 256 10.45 15.21 21.30
N VAL C 257 9.72 16.32 21.41
CA VAL C 257 8.25 16.28 21.35
C VAL C 257 7.79 15.76 20.00
N ILE C 258 8.36 16.28 18.92
CA ILE C 258 7.97 15.82 17.59
C ILE C 258 8.21 14.32 17.47
N ARG C 259 9.37 13.85 17.96
CA ARG C 259 9.68 12.43 17.87
C ARG C 259 8.70 11.60 18.70
N ASP C 260 8.39 12.06 19.93
CA ASP C 260 7.45 11.35 20.80
C ASP C 260 6.05 11.26 20.19
N ARG C 261 5.51 12.40 19.71
CA ARG C 261 4.18 12.35 19.10
C ARG C 261 4.20 11.53 17.81
N ASN C 262 5.27 11.66 17.03
CA ASN C 262 5.37 10.92 15.77
C ASN C 262 5.18 9.42 15.99
N GLN C 263 5.79 8.86 17.03
CA GLN C 263 5.65 7.42 17.30
C GLN C 263 4.18 7.04 17.46
N LYS C 264 3.38 7.94 18.03
CA LYS C 264 1.99 7.66 18.35
C LYS C 264 1.06 7.81 17.16
N THR C 265 1.55 8.30 16.02
CA THR C 265 0.71 8.47 14.84
C THR C 265 0.64 7.23 13.97
N ALA C 266 1.42 6.18 14.27
CA ALA C 266 1.41 4.98 13.42
C ALA C 266 0.09 4.24 13.53
N PHE C 267 -0.29 3.88 14.76
CA PHE C 267 -1.48 3.10 15.04
C PHE C 267 -2.37 3.89 15.98
N TYR C 268 -3.48 4.41 15.45
CA TYR C 268 -4.42 5.16 16.29
C TYR C 268 -5.06 4.27 17.35
N PHE C 269 -5.34 3.01 17.01
CA PHE C 269 -5.53 1.98 18.02
C PHE C 269 -5.04 0.66 17.45
N ASP C 270 -5.05 -0.36 18.31
CA ASP C 270 -4.48 -1.66 17.98
C ASP C 270 -5.55 -2.53 17.35
N LEU C 271 -5.51 -2.69 16.02
CA LEU C 271 -6.54 -3.48 15.35
C LEU C 271 -6.55 -4.94 15.81
N SER C 272 -5.56 -5.37 16.58
CA SER C 272 -5.50 -6.70 17.15
C SER C 272 -5.81 -6.72 18.65
N SER C 273 -6.23 -5.58 19.23
CA SER C 273 -6.53 -5.55 20.65
C SER C 273 -7.72 -6.42 20.98
N LYS C 274 -7.66 -7.09 22.14
CA LYS C 274 -8.77 -7.87 22.65
C LYS C 274 -9.49 -7.17 23.79
N GLU C 275 -9.18 -5.91 24.04
CA GLU C 275 -9.90 -5.12 25.01
C GLU C 275 -11.07 -4.39 24.34
N GLU C 276 -12.02 -4.04 25.13
CA GLU C 276 -13.09 -3.29 24.50
C GLU C 276 -12.86 -1.80 24.64
N PRO C 277 -13.44 -0.96 23.75
CA PRO C 277 -14.33 -1.29 22.64
C PRO C 277 -13.59 -1.72 21.38
N TRP C 278 -12.27 -1.79 21.45
CA TRP C 278 -11.46 -2.02 20.25
C TRP C 278 -11.78 -3.37 19.62
N LYS C 279 -12.00 -4.40 20.44
CA LYS C 279 -12.26 -5.72 19.90
C LYS C 279 -13.58 -5.77 19.13
N SER C 280 -14.65 -5.20 19.71
CA SER C 280 -15.93 -5.19 19.02
C SER C 280 -15.91 -4.30 17.78
N ALA C 281 -15.11 -3.25 17.79
CA ALA C 281 -14.99 -2.38 16.62
C ALA C 281 -14.43 -3.14 15.44
N VAL C 282 -13.34 -3.88 15.65
CA VAL C 282 -12.73 -4.67 14.57
C VAL C 282 -13.66 -5.80 14.14
N ASP C 283 -14.26 -6.50 15.11
CA ASP C 283 -15.19 -7.57 14.80
C ASP C 283 -16.32 -7.08 13.92
N PHE C 284 -16.91 -5.93 14.28
CA PHE C 284 -18.06 -5.43 13.53
C PHE C 284 -17.66 -5.04 12.10
N ALA C 285 -16.58 -4.28 11.96
CA ALA C 285 -16.16 -3.78 10.64
C ALA C 285 -15.73 -4.91 9.71
N ASN C 286 -15.37 -6.07 10.25
CA ASN C 286 -14.86 -7.18 9.46
C ASN C 286 -15.94 -8.06 8.88
N ASN C 287 -17.11 -8.13 9.50
CA ASN C 287 -18.12 -9.11 9.15
C ASN C 287 -19.45 -8.46 8.80
N LEU C 288 -19.40 -7.36 8.05
CA LEU C 288 -20.62 -6.80 7.46
C LEU C 288 -20.92 -7.45 6.12
#